data_7EAW
#
_entry.id   7EAW
#
_cell.length_a   52.671
_cell.length_b   104.507
_cell.length_c   237.842
_cell.angle_alpha   90.000
_cell.angle_beta   90.000
_cell.angle_gamma   90.000
#
_symmetry.space_group_name_H-M   'P 21 21 21'
#
loop_
_entity.id
_entity.type
_entity.pdbx_description
1 polymer Trehalase
2 branched alpha-D-glucopyranose-(1-1)-alpha-D-glucopyranose
3 non-polymer GLYCEROL
4 water water
#
_entity_poly.entity_id   1
_entity_poly.type   'polypeptide(L)'
_entity_poly.pdbx_seq_one_letter_code
;MDSDTDTDSGPVVATTKLVTFLQRVQHTALRSYPKKQTPDPKSYIDLSLKRPYSLSTIESAFDDLTSESHDQPVPVETLE
KFVKEYFDGAGEDLLHHEPVDFVSDPSGFLSNVENEEVREWAREVHGLWRNLSCRVSDSVRESADRHTLLPLPEPVIIPG
SRFREVYYWDSYWVIKGLMTSQMFTTAKGLVTNLMSLVETYGYALNGARAYYTNRSQPPLLSSMVYEIYNVTKDEELVRK
AIPLLLKEYEFWNSGKHKVVIRDANGYDHVLSRYYAMWNKPRPESSVFDEESASGFSTMLEKQRFHRDIATAAESGCAFS
TRWMRDPPNFTTMATTSVVPVDLNVFLLKMELDIAFMMKVSGDQNGSDRFVKASKAREKAFQTVFWNEKAGQWLDYWLSS
SGEESETWKAENQNTNVFASNFAPIWINSINSDENLVKKVVTALKNSGLIAPAGILTSLTNSGQQWDSPNGWAPQQEMIV
TGLGRSSVKEAKEMAEDIARRWIKSNYLVYKKSGTIHEKLKVTELGEYGGGGEYMPQTGFGWSNGVILAFLEEYGWPSHL
SIEALEHHHHHH
;
_entity_poly.pdbx_strand_id   A,B
#
loop_
_chem_comp.id
_chem_comp.type
_chem_comp.name
_chem_comp.formula
GLC D-saccharide, alpha linking alpha-D-glucopyranose 'C6 H12 O6'
GOL non-polymer GLYCEROL 'C3 H8 O3'
#
# COMPACT_ATOMS: atom_id res chain seq x y z
N ASP A 8 -16.21 -47.61 -13.11
CA ASP A 8 -14.84 -47.16 -13.37
C ASP A 8 -13.86 -48.33 -13.41
N SER A 9 -13.09 -48.38 -14.49
CA SER A 9 -11.91 -49.23 -14.50
C SER A 9 -10.79 -48.63 -13.64
N GLY A 10 -10.83 -47.32 -13.40
CA GLY A 10 -9.77 -46.61 -12.70
C GLY A 10 -9.63 -47.00 -11.24
N PRO A 11 -8.48 -46.67 -10.65
CA PRO A 11 -8.17 -47.15 -9.30
C PRO A 11 -9.00 -46.44 -8.22
N VAL A 12 -9.32 -47.20 -7.18
CA VAL A 12 -10.10 -46.67 -6.06
C VAL A 12 -9.48 -47.14 -4.75
N VAL A 13 -9.19 -46.20 -3.85
CA VAL A 13 -8.73 -46.52 -2.51
C VAL A 13 -9.97 -46.68 -1.63
N ALA A 14 -10.14 -47.85 -1.02
CA ALA A 14 -11.32 -48.09 -0.21
C ALA A 14 -11.34 -47.22 1.04
N THR A 15 -12.51 -47.06 1.61
CA THR A 15 -12.65 -46.32 2.84
C THR A 15 -12.88 -47.30 3.98
N THR A 16 -13.05 -46.76 5.19
CA THR A 16 -13.25 -47.61 6.35
C THR A 16 -14.73 -47.85 6.58
N LYS A 17 -15.03 -48.95 7.27
CA LYS A 17 -16.41 -49.24 7.64
C LYS A 17 -16.97 -48.15 8.52
N LEU A 18 -16.11 -47.52 9.34
CA LEU A 18 -16.57 -46.40 10.16
C LEU A 18 -17.06 -45.25 9.31
N VAL A 19 -16.25 -44.84 8.33
CA VAL A 19 -16.64 -43.73 7.46
C VAL A 19 -17.94 -44.06 6.74
N THR A 20 -18.03 -45.28 6.20
CA THR A 20 -19.26 -45.70 5.54
C THR A 20 -20.45 -45.58 6.50
N PHE A 21 -20.27 -46.02 7.75
CA PHE A 21 -21.36 -45.93 8.71
C PHE A 21 -21.72 -44.48 9.01
N LEU A 22 -20.71 -43.61 9.22
CA LEU A 22 -20.99 -42.24 9.61
C LEU A 22 -21.72 -41.47 8.50
N GLN A 23 -21.54 -41.86 7.23
CA GLN A 23 -22.36 -41.29 6.16
C GLN A 23 -23.84 -41.63 6.35
N ARG A 24 -24.13 -42.83 6.85
CA ARG A 24 -25.52 -43.17 7.14
C ARG A 24 -26.11 -42.22 8.16
N VAL A 25 -25.37 -41.96 9.24
CA VAL A 25 -25.78 -40.98 10.25
C VAL A 25 -25.97 -39.62 9.61
N GLN A 26 -25.03 -39.23 8.75
CA GLN A 26 -25.12 -37.94 8.08
C GLN A 26 -26.41 -37.82 7.27
N HIS A 27 -26.74 -38.84 6.49
CA HIS A 27 -27.94 -38.81 5.67
C HIS A 27 -29.20 -38.69 6.53
N THR A 28 -29.26 -39.47 7.61
CA THR A 28 -30.39 -39.35 8.52
C THR A 28 -30.50 -37.93 9.07
N ALA A 29 -29.38 -37.34 9.49
CA ALA A 29 -29.40 -36.02 10.09
C ALA A 29 -29.85 -34.95 9.09
N LEU A 30 -29.31 -34.99 7.88
CA LEU A 30 -29.69 -33.96 6.91
C LEU A 30 -31.15 -34.09 6.49
N ARG A 31 -31.75 -35.24 6.73
CA ARG A 31 -33.19 -35.42 6.52
C ARG A 31 -34.01 -34.99 7.73
N SER A 32 -33.46 -35.12 8.94
CA SER A 32 -34.21 -34.80 10.15
C SER A 32 -34.35 -33.30 10.36
N TYR A 33 -33.33 -32.54 9.99
CA TYR A 33 -33.34 -31.14 10.37
C TYR A 33 -34.17 -30.32 9.37
N PRO A 34 -34.84 -29.27 9.85
CA PRO A 34 -35.53 -28.37 8.92
C PRO A 34 -34.53 -27.73 7.99
N LYS A 35 -34.99 -27.39 6.78
CA LYS A 35 -34.09 -26.87 5.76
C LYS A 35 -33.40 -25.58 6.19
N LYS A 36 -33.96 -24.85 7.15
CA LYS A 36 -33.33 -23.65 7.68
C LYS A 36 -32.39 -23.97 8.84
N GLN A 37 -32.25 -25.24 9.20
CA GLN A 37 -31.36 -25.67 10.27
C GLN A 37 -30.49 -26.84 9.86
N THR A 38 -30.36 -27.12 8.56
CA THR A 38 -29.59 -28.28 8.13
C THR A 38 -28.15 -28.11 8.63
N PRO A 39 -27.57 -29.13 9.24
CA PRO A 39 -26.22 -28.98 9.79
C PRO A 39 -25.16 -29.18 8.72
N ASP A 40 -23.93 -28.89 9.10
CA ASP A 40 -22.77 -29.20 8.27
C ASP A 40 -22.61 -30.70 8.18
N PRO A 41 -22.70 -31.31 6.99
CA PRO A 41 -22.56 -32.76 6.91
C PRO A 41 -21.22 -33.25 7.38
N LYS A 42 -20.18 -32.42 7.28
CA LYS A 42 -18.85 -32.86 7.66
C LYS A 42 -18.81 -33.26 9.13
N SER A 43 -19.55 -32.55 9.98
CA SER A 43 -19.48 -32.79 11.41
C SER A 43 -19.79 -34.25 11.75
N TYR A 44 -20.64 -34.91 10.96
CA TYR A 44 -21.02 -36.29 11.26
C TYR A 44 -19.93 -37.28 10.90
N ILE A 45 -19.16 -37.03 9.84
CA ILE A 45 -18.01 -37.89 9.54
C ILE A 45 -16.79 -37.59 10.39
N ASP A 46 -16.83 -36.56 11.23
CA ASP A 46 -15.74 -36.32 12.18
C ASP A 46 -16.03 -36.89 13.58
N LEU A 47 -17.21 -37.47 13.79
CA LEU A 47 -17.52 -38.14 15.05
C LEU A 47 -16.54 -39.28 15.33
N SER A 48 -16.49 -39.72 16.59
CA SER A 48 -15.75 -40.92 16.92
C SER A 48 -16.60 -41.74 17.87
N LEU A 49 -16.30 -43.03 17.96
CA LEU A 49 -17.15 -43.95 18.70
C LEU A 49 -16.89 -43.83 20.19
N LYS A 50 -17.94 -43.64 20.97
CA LYS A 50 -17.79 -43.49 22.41
C LYS A 50 -17.58 -44.86 23.04
N ARG A 51 -16.55 -44.98 23.87
CA ARG A 51 -16.28 -46.25 24.50
C ARG A 51 -17.41 -46.61 25.46
N PRO A 52 -17.66 -47.91 25.68
CA PRO A 52 -16.90 -49.04 25.17
C PRO A 52 -17.55 -49.73 23.98
N TYR A 53 -18.51 -49.06 23.34
CA TYR A 53 -19.31 -49.72 22.33
C TYR A 53 -18.55 -49.90 21.03
N SER A 54 -18.76 -51.05 20.39
CA SER A 54 -18.15 -51.35 19.10
C SER A 54 -18.95 -50.69 17.99
N LEU A 55 -18.34 -50.63 16.80
CA LEU A 55 -19.09 -50.12 15.65
C LEU A 55 -20.31 -50.98 15.38
N SER A 56 -20.17 -52.29 15.56
CA SER A 56 -21.28 -53.21 15.36
C SER A 56 -22.44 -52.90 16.29
N THR A 57 -22.13 -52.56 17.55
CA THR A 57 -23.17 -52.22 18.51
C THR A 57 -23.86 -50.92 18.11
N ILE A 58 -23.07 -49.91 17.75
CA ILE A 58 -23.64 -48.60 17.47
C ILE A 58 -24.41 -48.62 16.16
N GLU A 59 -23.92 -49.37 15.17
CA GLU A 59 -24.68 -49.52 13.93
C GLU A 59 -25.99 -50.25 14.17
N SER A 60 -25.96 -51.30 14.99
CA SER A 60 -27.19 -52.01 15.31
C SER A 60 -28.19 -51.09 16.01
N ALA A 61 -27.70 -50.29 16.97
CA ALA A 61 -28.57 -49.33 17.64
C ALA A 61 -29.07 -48.26 16.67
N PHE A 62 -28.22 -47.83 15.73
CA PHE A 62 -28.67 -46.89 14.73
C PHE A 62 -29.77 -47.50 13.85
N ASP A 63 -29.65 -48.79 13.54
CA ASP A 63 -30.68 -49.47 12.76
C ASP A 63 -32.02 -49.50 13.51
N ASP A 64 -31.98 -49.79 14.81
CA ASP A 64 -33.21 -49.77 15.60
C ASP A 64 -33.83 -48.38 15.59
N LEU A 65 -32.99 -47.34 15.73
CA LEU A 65 -33.45 -45.96 15.74
C LEU A 65 -34.17 -45.61 14.44
N THR A 66 -33.57 -45.93 13.31
CA THR A 66 -34.15 -45.55 12.03
C THR A 66 -35.29 -46.48 11.60
N SER A 67 -35.33 -47.71 12.09
CA SER A 67 -36.43 -48.63 11.79
C SER A 67 -37.78 -48.03 12.17
N PRO A 73 -38.79 -40.04 9.08
CA PRO A 73 -37.74 -39.11 9.49
C PRO A 73 -37.55 -39.09 11.00
N VAL A 74 -36.33 -39.34 11.46
CA VAL A 74 -36.08 -39.35 12.90
C VAL A 74 -36.25 -37.93 13.46
N PRO A 75 -37.00 -37.75 14.53
CA PRO A 75 -37.10 -36.41 15.13
C PRO A 75 -35.75 -35.90 15.60
N VAL A 76 -35.58 -34.58 15.47
CA VAL A 76 -34.31 -33.92 15.82
C VAL A 76 -33.92 -34.22 17.26
N GLU A 77 -34.91 -34.30 18.15
CA GLU A 77 -34.63 -34.57 19.56
C GLU A 77 -34.10 -35.97 19.76
N THR A 78 -34.74 -36.96 19.12
CA THR A 78 -34.30 -38.35 19.25
C THR A 78 -32.93 -38.56 18.61
N LEU A 79 -32.69 -37.93 17.45
CA LEU A 79 -31.40 -38.11 16.79
C LEU A 79 -30.26 -37.50 17.60
N GLU A 80 -30.45 -36.31 18.15
CA GLU A 80 -29.41 -35.68 18.96
C GLU A 80 -29.11 -36.51 20.20
N LYS A 81 -30.15 -37.05 20.84
CA LYS A 81 -29.95 -37.95 21.98
C LYS A 81 -29.12 -39.17 21.59
N PHE A 82 -29.39 -39.74 20.42
CA PHE A 82 -28.61 -40.89 19.96
C PHE A 82 -27.15 -40.50 19.74
N VAL A 83 -26.92 -39.38 19.07
CA VAL A 83 -25.55 -38.94 18.78
C VAL A 83 -24.81 -38.60 20.06
N LYS A 84 -25.50 -38.00 21.05
CA LYS A 84 -24.85 -37.72 22.32
C LYS A 84 -24.47 -39.01 23.06
N GLU A 85 -25.23 -40.08 22.87
CA GLU A 85 -25.03 -41.29 23.66
C GLU A 85 -23.93 -42.19 23.11
N TYR A 86 -23.74 -42.24 21.78
CA TYR A 86 -22.85 -43.24 21.21
C TYR A 86 -21.58 -42.66 20.61
N PHE A 87 -21.47 -41.33 20.51
CA PHE A 87 -20.32 -40.70 19.88
C PHE A 87 -19.72 -39.65 20.79
N ASP A 88 -18.40 -39.50 20.69
CA ASP A 88 -17.72 -38.29 21.10
C ASP A 88 -17.73 -37.33 19.90
N GLY A 89 -18.01 -36.05 20.18
CA GLY A 89 -18.35 -35.10 19.14
C GLY A 89 -17.19 -34.80 18.21
N ALA A 90 -17.51 -34.04 17.16
CA ALA A 90 -16.49 -33.66 16.18
C ALA A 90 -15.45 -32.77 16.84
N GLY A 91 -14.18 -33.08 16.58
CA GLY A 91 -13.09 -32.32 17.15
C GLY A 91 -12.72 -32.70 18.57
N GLU A 92 -13.54 -33.50 19.25
CA GLU A 92 -13.25 -33.82 20.65
C GLU A 92 -12.00 -34.67 20.78
N ASP A 93 -11.66 -35.42 19.72
CA ASP A 93 -10.43 -36.20 19.69
C ASP A 93 -9.23 -35.42 19.16
N LEU A 94 -9.40 -34.12 18.88
CA LEU A 94 -8.30 -33.22 18.50
C LEU A 94 -8.13 -32.18 19.61
N LEU A 95 -7.01 -32.27 20.32
CA LEU A 95 -6.82 -31.55 21.58
C LEU A 95 -6.01 -30.28 21.40
N HIS A 96 -6.43 -29.21 22.07
CA HIS A 96 -5.64 -27.99 22.07
C HIS A 96 -4.21 -28.29 22.52
N HIS A 97 -3.25 -27.67 21.87
CA HIS A 97 -1.83 -27.83 22.19
C HIS A 97 -1.19 -26.47 22.27
N GLU A 98 -0.45 -26.21 23.34
CA GLU A 98 0.35 -25.01 23.40
C GLU A 98 1.62 -25.21 22.59
N PRO A 99 1.83 -24.46 21.50
CA PRO A 99 3.07 -24.63 20.72
C PRO A 99 4.29 -24.27 21.54
N VAL A 100 5.26 -25.17 21.54
CA VAL A 100 6.43 -24.98 22.40
C VAL A 100 7.14 -23.68 22.05
N ASP A 101 7.10 -23.28 20.78
CA ASP A 101 7.88 -22.15 20.29
C ASP A 101 7.05 -20.88 20.18
N PHE A 102 5.83 -20.88 20.73
CA PHE A 102 5.01 -19.69 20.70
C PHE A 102 5.43 -18.72 21.79
N VAL A 103 5.58 -17.45 21.41
CA VAL A 103 5.85 -16.36 22.33
C VAL A 103 4.88 -15.25 21.98
N SER A 104 4.27 -14.64 23.00
CA SER A 104 3.19 -13.70 22.74
C SER A 104 3.67 -12.42 22.04
N ASP A 105 4.92 -12.02 22.26
CA ASP A 105 5.53 -10.97 21.45
C ASP A 105 7.00 -11.30 21.22
N PRO A 106 7.31 -12.02 20.14
CA PRO A 106 8.71 -12.37 19.86
C PRO A 106 9.55 -11.13 19.65
N SER A 107 10.79 -11.19 20.13
CA SER A 107 11.71 -10.10 19.89
C SER A 107 11.97 -9.93 18.40
N GLY A 108 11.97 -8.69 17.94
CA GLY A 108 12.17 -8.42 16.53
C GLY A 108 11.05 -8.83 15.62
N PHE A 109 9.93 -9.29 16.18
CA PHE A 109 8.74 -9.60 15.39
C PHE A 109 8.26 -8.36 14.65
N LEU A 110 8.22 -8.45 13.32
CA LEU A 110 7.72 -7.39 12.45
C LEU A 110 8.27 -6.01 12.85
N SER A 111 9.59 -5.95 12.98
CA SER A 111 10.23 -4.70 13.40
C SER A 111 10.06 -3.60 12.35
N ASN A 112 9.92 -3.99 11.09
CA ASN A 112 9.71 -3.06 9.98
C ASN A 112 8.26 -2.58 9.87
N VAL A 113 7.39 -3.00 10.77
CA VAL A 113 6.02 -2.52 10.81
C VAL A 113 6.00 -1.45 11.88
N GLU A 114 6.12 -0.20 11.44
CA GLU A 114 6.25 0.90 12.36
C GLU A 114 4.92 1.56 12.68
N ASN A 115 3.88 1.26 11.90
CA ASN A 115 2.53 1.66 12.26
C ASN A 115 2.10 0.80 13.44
N GLU A 116 1.97 1.41 14.62
CA GLU A 116 1.77 0.63 15.83
C GLU A 116 0.43 -0.08 15.82
N GLU A 117 -0.61 0.56 15.26
CA GLU A 117 -1.92 -0.08 15.13
C GLU A 117 -1.83 -1.35 14.29
N VAL A 118 -1.09 -1.28 13.18
CA VAL A 118 -0.93 -2.45 12.33
C VAL A 118 -0.11 -3.52 13.04
N ARG A 119 0.96 -3.13 13.74
CA ARG A 119 1.80 -4.13 14.38
C ARG A 119 1.04 -4.83 15.50
N GLU A 120 0.19 -4.10 16.22
CA GLU A 120 -0.57 -4.74 17.29
C GLU A 120 -1.63 -5.68 16.72
N TRP A 121 -2.26 -5.29 15.61
CA TRP A 121 -3.14 -6.21 14.91
C TRP A 121 -2.41 -7.48 14.52
N ALA A 122 -1.23 -7.33 13.89
CA ALA A 122 -0.48 -8.50 13.47
C ALA A 122 -0.09 -9.37 14.66
N ARG A 123 0.11 -8.77 15.83
CA ARG A 123 0.38 -9.57 17.02
C ARG A 123 -0.83 -10.40 17.40
N GLU A 124 -2.03 -9.86 17.20
CA GLU A 124 -3.25 -10.61 17.48
C GLU A 124 -3.41 -11.76 16.48
N VAL A 125 -3.11 -11.49 15.20
CA VAL A 125 -3.11 -12.54 14.19
C VAL A 125 -2.06 -13.60 14.55
N HIS A 126 -0.85 -13.16 14.89
CA HIS A 126 0.17 -14.10 15.41
C HIS A 126 -0.38 -14.92 16.58
N GLY A 127 -1.10 -14.26 17.50
CA GLY A 127 -1.68 -14.98 18.63
C GLY A 127 -2.62 -16.09 18.23
N LEU A 128 -3.21 -16.00 17.03
CA LEU A 128 -4.15 -17.03 16.60
C LEU A 128 -3.49 -18.37 16.31
N TRP A 129 -2.16 -18.45 16.20
CA TRP A 129 -1.52 -19.74 16.05
C TRP A 129 -1.85 -20.66 17.22
N ARG A 130 -1.96 -20.11 18.43
CA ARG A 130 -2.40 -20.91 19.57
C ARG A 130 -3.77 -21.52 19.32
N ASN A 131 -4.71 -20.74 18.76
CA ASN A 131 -6.06 -21.25 18.52
C ASN A 131 -6.04 -22.42 17.54
N LEU A 132 -5.19 -22.33 16.52
CA LEU A 132 -5.11 -23.34 15.47
C LEU A 132 -4.20 -24.50 15.84
N SER A 133 -3.54 -24.43 17.00
CA SER A 133 -2.56 -25.43 17.42
C SER A 133 -3.27 -26.54 18.17
N CYS A 134 -3.13 -27.78 17.69
CA CYS A 134 -3.82 -28.93 18.24
C CYS A 134 -2.89 -30.14 18.24
N ARG A 135 -3.31 -31.16 18.97
CA ARG A 135 -2.62 -32.44 19.04
C ARG A 135 -3.66 -33.55 19.00
N VAL A 136 -3.42 -34.56 18.16
CA VAL A 136 -4.32 -35.69 18.10
C VAL A 136 -4.33 -36.40 19.45
N SER A 137 -5.52 -36.70 19.94
CA SER A 137 -5.63 -37.27 21.29
C SER A 137 -5.02 -38.67 21.33
N ASP A 138 -4.54 -39.04 22.52
CA ASP A 138 -3.95 -40.37 22.70
C ASP A 138 -4.95 -41.47 22.39
N SER A 139 -6.25 -41.20 22.55
CA SER A 139 -7.27 -42.19 22.21
C SER A 139 -7.13 -42.63 20.76
N VAL A 140 -6.79 -41.70 19.87
CA VAL A 140 -6.69 -42.01 18.45
C VAL A 140 -5.59 -43.04 18.21
N ARG A 141 -4.43 -42.83 18.83
CA ARG A 141 -3.30 -43.71 18.58
C ARG A 141 -3.56 -45.11 19.15
N GLU A 142 -4.23 -45.19 20.31
CA GLU A 142 -4.40 -46.49 20.95
C GLU A 142 -5.52 -47.32 20.30
N SER A 143 -6.47 -46.69 19.60
CA SER A 143 -7.53 -47.43 18.91
C SER A 143 -7.97 -46.59 17.71
N ALA A 144 -7.12 -46.58 16.68
CA ALA A 144 -7.34 -45.69 15.53
C ALA A 144 -8.66 -46.00 14.84
N ASP A 145 -9.11 -47.24 14.92
CA ASP A 145 -10.29 -47.68 14.19
C ASP A 145 -11.58 -47.06 14.71
N ARG A 146 -11.56 -46.35 15.84
CA ARG A 146 -12.75 -45.72 16.40
C ARG A 146 -12.91 -44.27 15.98
N HIS A 147 -11.95 -43.72 15.24
CA HIS A 147 -11.90 -42.31 14.88
C HIS A 147 -11.71 -42.18 13.36
N THR A 148 -12.27 -41.12 12.78
CA THR A 148 -11.83 -40.77 11.43
C THR A 148 -10.60 -39.87 11.45
N LEU A 149 -10.35 -39.18 12.55
CA LEU A 149 -9.09 -38.47 12.75
C LEU A 149 -7.94 -39.46 12.73
N LEU A 150 -6.92 -39.18 11.89
CA LEU A 150 -5.77 -40.09 11.73
C LEU A 150 -4.70 -39.78 12.77
N PRO A 151 -3.99 -40.81 13.26
CA PRO A 151 -2.87 -40.55 14.18
C PRO A 151 -1.75 -39.82 13.45
N LEU A 152 -1.08 -38.93 14.18
CA LEU A 152 0.04 -38.15 13.68
C LEU A 152 1.12 -38.05 14.74
N PRO A 153 2.39 -38.01 14.32
CA PRO A 153 3.50 -37.99 15.30
C PRO A 153 3.71 -36.67 16.00
N GLU A 154 3.27 -35.55 15.45
CA GLU A 154 3.59 -34.23 15.98
C GLU A 154 2.33 -33.39 16.05
N PRO A 155 2.30 -32.38 16.93
CA PRO A 155 1.18 -31.45 16.96
C PRO A 155 1.05 -30.72 15.63
N VAL A 156 -0.17 -30.26 15.36
CA VAL A 156 -0.51 -29.72 14.06
C VAL A 156 -0.92 -28.25 14.19
N ILE A 157 -0.99 -27.59 13.05
CA ILE A 157 -1.75 -26.36 12.86
C ILE A 157 -2.86 -26.69 11.87
N ILE A 158 -4.09 -26.39 12.24
CA ILE A 158 -5.24 -26.68 11.36
C ILE A 158 -5.67 -25.38 10.68
N PRO A 159 -6.39 -25.45 9.56
CA PRO A 159 -6.94 -24.21 8.98
C PRO A 159 -7.92 -23.52 9.90
N GLY A 160 -8.75 -24.28 10.61
CA GLY A 160 -9.70 -23.70 11.53
C GLY A 160 -11.14 -24.05 11.27
N SER A 161 -11.98 -23.86 12.28
CA SER A 161 -13.44 -24.05 12.19
C SER A 161 -13.74 -25.48 11.76
N ARG A 162 -14.52 -25.71 10.69
CA ARG A 162 -14.85 -27.08 10.34
C ARG A 162 -13.66 -27.91 9.88
N PHE A 163 -12.49 -27.30 9.60
CA PHE A 163 -11.35 -28.06 9.10
C PHE A 163 -10.54 -28.52 10.31
N ARG A 164 -11.12 -29.51 10.98
CA ARG A 164 -10.66 -30.14 12.22
C ARG A 164 -9.50 -31.09 12.04
N GLU A 165 -8.55 -30.77 11.16
CA GLU A 165 -7.50 -31.71 10.84
C GLU A 165 -6.49 -30.93 10.02
N VAL A 166 -5.25 -31.40 10.01
CA VAL A 166 -4.24 -30.78 9.16
C VAL A 166 -4.57 -31.03 7.69
N TYR A 167 -4.35 -30.03 6.85
CA TYR A 167 -4.48 -30.17 5.40
C TYR A 167 -3.12 -30.03 4.75
N TYR A 168 -3.00 -30.53 3.51
CA TYR A 168 -1.70 -30.55 2.87
C TYR A 168 -1.26 -29.16 2.40
N TRP A 169 -1.87 -28.61 1.34
CA TRP A 169 -1.26 -27.42 0.77
C TRP A 169 -1.45 -26.19 1.66
N ASP A 170 -2.52 -26.11 2.48
CA ASP A 170 -2.60 -25.00 3.43
C ASP A 170 -1.34 -24.87 4.26
N SER A 171 -0.68 -25.98 4.57
CA SER A 171 0.48 -25.96 5.46
C SER A 171 1.63 -25.11 4.92
N TYR A 172 1.77 -25.00 3.61
CA TYR A 172 2.83 -24.16 3.09
C TYR A 172 2.70 -22.71 3.54
N TRP A 173 1.53 -22.11 3.31
CA TRP A 173 1.35 -20.71 3.66
C TRP A 173 1.23 -20.54 5.16
N VAL A 174 0.71 -21.54 5.87
CA VAL A 174 0.87 -21.54 7.33
C VAL A 174 2.34 -21.44 7.71
N ILE A 175 3.19 -22.24 7.08
CA ILE A 175 4.61 -22.28 7.43
C ILE A 175 5.27 -20.94 7.12
N LYS A 176 4.93 -20.33 5.98
CA LYS A 176 5.45 -19.00 5.69
C LYS A 176 5.14 -18.05 6.84
N GLY A 177 3.95 -18.15 7.42
CA GLY A 177 3.55 -17.33 8.55
C GLY A 177 4.21 -17.75 9.85
N LEU A 178 4.34 -19.05 10.07
CA LEU A 178 5.09 -19.53 11.24
C LEU A 178 6.52 -18.99 11.24
N MET A 179 7.13 -18.84 10.07
CA MET A 179 8.52 -18.40 10.05
C MET A 179 8.63 -16.92 10.44
N THR A 180 7.67 -16.09 10.00
CA THR A 180 7.56 -14.74 10.53
C THR A 180 7.36 -14.75 12.05
N SER A 181 6.48 -15.63 12.53
CA SER A 181 6.20 -15.80 13.95
C SER A 181 7.31 -16.49 14.72
N GLN A 182 8.45 -16.79 14.08
CA GLN A 182 9.61 -17.40 14.73
C GLN A 182 9.26 -18.75 15.35
N MET A 183 8.45 -19.54 14.66
CA MET A 183 7.93 -20.80 15.19
C MET A 183 8.41 -21.96 14.31
N PHE A 184 9.73 -22.18 14.30
CA PHE A 184 10.33 -23.13 13.39
C PHE A 184 10.16 -24.57 13.84
N THR A 185 9.91 -24.80 15.12
CA THR A 185 9.62 -26.17 15.56
C THR A 185 8.21 -26.59 15.14
N THR A 186 7.22 -25.70 15.34
CA THR A 186 5.88 -25.97 14.85
C THR A 186 5.87 -26.18 13.33
N ALA A 187 6.65 -25.37 12.61
CA ALA A 187 6.73 -25.53 11.15
C ALA A 187 7.31 -26.89 10.77
N LYS A 188 8.44 -27.26 11.37
CA LYS A 188 8.99 -28.58 11.11
C LYS A 188 8.00 -29.67 11.48
N GLY A 189 7.26 -29.47 12.57
CA GLY A 189 6.26 -30.45 12.97
C GLY A 189 5.26 -30.72 11.86
N LEU A 190 4.78 -29.66 11.21
CA LEU A 190 3.84 -29.85 10.10
C LEU A 190 4.46 -30.71 9.02
N VAL A 191 5.73 -30.43 8.68
CA VAL A 191 6.43 -31.20 7.66
C VAL A 191 6.60 -32.63 8.12
N THR A 192 6.99 -32.81 9.39
CA THR A 192 7.11 -34.16 9.93
C THR A 192 5.79 -34.92 9.81
N ASN A 193 4.68 -34.25 10.08
CA ASN A 193 3.38 -34.91 9.98
C ASN A 193 3.07 -35.32 8.55
N LEU A 194 3.29 -34.41 7.59
CA LEU A 194 2.98 -34.74 6.20
C LEU A 194 3.94 -35.81 5.69
N MET A 195 5.20 -35.76 6.12
CA MET A 195 6.14 -36.82 5.78
C MET A 195 5.65 -38.18 6.25
N SER A 196 5.07 -38.24 7.45
CA SER A 196 4.59 -39.54 7.92
C SER A 196 3.43 -40.02 7.05
N LEU A 197 2.63 -39.09 6.51
CA LEU A 197 1.55 -39.51 5.61
C LEU A 197 2.10 -40.05 4.31
N VAL A 198 3.15 -39.42 3.77
CA VAL A 198 3.78 -39.96 2.57
C VAL A 198 4.37 -41.33 2.87
N GLU A 199 4.99 -41.49 4.04
CA GLU A 199 5.53 -42.79 4.44
C GLU A 199 4.46 -43.88 4.43
N THR A 200 3.30 -43.58 5.03
CA THR A 200 2.27 -44.61 5.20
C THR A 200 1.57 -44.94 3.89
N TYR A 201 1.19 -43.92 3.12
CA TYR A 201 0.32 -44.09 1.96
C TYR A 201 1.03 -43.91 0.62
N GLY A 202 2.21 -43.32 0.59
CA GLY A 202 2.91 -43.06 -0.65
C GLY A 202 2.65 -41.69 -1.25
N TYR A 203 1.78 -40.90 -0.64
CA TYR A 203 1.51 -39.52 -1.03
C TYR A 203 1.01 -38.82 0.21
N ALA A 204 1.03 -37.49 0.18
CA ALA A 204 0.51 -36.72 1.30
C ALA A 204 -0.99 -36.55 1.10
N LEU A 205 -1.77 -36.96 2.09
CA LEU A 205 -3.23 -36.90 1.96
C LEU A 205 -3.72 -35.47 1.86
N ASN A 206 -4.88 -35.33 1.19
CA ASN A 206 -5.65 -34.09 1.21
C ASN A 206 -5.73 -33.53 2.63
N GLY A 207 -6.00 -34.41 3.61
CA GLY A 207 -5.93 -34.00 5.00
C GLY A 207 -5.87 -35.25 5.84
N ALA A 208 -5.64 -35.07 7.14
CA ALA A 208 -5.34 -36.21 8.02
C ALA A 208 -6.63 -36.80 8.59
N ARG A 209 -7.46 -37.29 7.66
CA ARG A 209 -8.75 -37.89 7.96
C ARG A 209 -8.89 -39.15 7.12
N ALA A 210 -9.61 -40.13 7.68
CA ALA A 210 -9.79 -41.42 7.01
C ALA A 210 -10.43 -41.26 5.64
N TYR A 211 -11.33 -40.30 5.49
CA TYR A 211 -12.02 -40.16 4.22
C TYR A 211 -11.19 -39.44 3.17
N TYR A 212 -9.94 -39.09 3.48
CA TYR A 212 -9.04 -38.42 2.54
C TYR A 212 -7.92 -39.33 2.07
N THR A 213 -7.89 -40.59 2.51
CA THR A 213 -6.82 -41.50 2.10
C THR A 213 -6.82 -41.76 0.60
N ASN A 214 -7.85 -41.34 -0.12
CA ASN A 214 -7.99 -41.64 -1.55
C ASN A 214 -7.41 -40.56 -2.46
N ARG A 215 -6.86 -39.47 -1.91
CA ARG A 215 -6.35 -38.40 -2.77
C ARG A 215 -5.32 -37.57 -2.02
N SER A 216 -4.53 -36.83 -2.81
CA SER A 216 -3.54 -35.91 -2.28
C SER A 216 -4.06 -34.48 -2.30
N GLN A 217 -3.19 -33.50 -2.61
CA GLN A 217 -3.55 -32.09 -2.76
C GLN A 217 -2.36 -31.46 -3.45
N PRO A 218 -2.38 -30.18 -3.82
CA PRO A 218 -1.25 -29.61 -4.55
C PRO A 218 0.07 -29.82 -3.81
N PRO A 219 1.08 -30.38 -4.51
CA PRO A 219 2.32 -30.90 -3.87
C PRO A 219 3.31 -29.84 -3.40
N LEU A 220 3.02 -29.26 -2.24
CA LEU A 220 3.80 -28.18 -1.63
C LEU A 220 4.85 -28.68 -0.65
N LEU A 221 4.92 -29.98 -0.39
CA LEU A 221 5.79 -30.51 0.65
C LEU A 221 7.26 -30.15 0.43
N SER A 222 7.78 -30.33 -0.80
CA SER A 222 9.17 -29.95 -1.05
C SER A 222 9.40 -28.48 -0.74
N SER A 223 8.40 -27.62 -1.02
CA SER A 223 8.56 -26.19 -0.79
C SER A 223 8.60 -25.87 0.69
N MET A 224 7.77 -26.57 1.48
CA MET A 224 7.84 -26.43 2.93
C MET A 224 9.22 -26.80 3.46
N VAL A 225 9.75 -27.94 3.01
CA VAL A 225 11.09 -28.35 3.45
C VAL A 225 12.12 -27.30 3.04
N TYR A 226 12.04 -26.81 1.79
CA TYR A 226 13.01 -25.82 1.34
C TYR A 226 12.94 -24.55 2.17
N GLU A 227 11.73 -24.04 2.46
CA GLU A 227 11.66 -22.75 3.14
C GLU A 227 12.19 -22.84 4.56
N ILE A 228 11.90 -23.95 5.23
CA ILE A 228 12.44 -24.18 6.57
C ILE A 228 13.96 -24.32 6.51
N TYR A 229 14.45 -25.17 5.61
CA TYR A 229 15.88 -25.43 5.50
C TYR A 229 16.65 -24.15 5.22
N ASN A 230 16.08 -23.26 4.39
CA ASN A 230 16.77 -22.04 4.01
C ASN A 230 17.06 -21.17 5.23
N VAL A 231 16.24 -21.27 6.28
CA VAL A 231 16.49 -20.54 7.52
C VAL A 231 17.34 -21.34 8.48
N THR A 232 16.93 -22.57 8.78
CA THR A 232 17.56 -23.35 9.85
C THR A 232 18.74 -24.21 9.41
N LYS A 233 18.97 -24.38 8.11
CA LYS A 233 20.05 -25.23 7.59
C LYS A 233 20.02 -26.62 8.21
N ASP A 234 18.81 -27.13 8.46
CA ASP A 234 18.57 -28.43 9.07
C ASP A 234 18.88 -29.56 8.09
N GLU A 235 20.12 -30.06 8.10
CA GLU A 235 20.53 -31.08 7.15
C GLU A 235 19.83 -32.41 7.38
N GLU A 236 19.52 -32.73 8.65
CA GLU A 236 18.81 -33.97 8.94
C GLU A 236 17.41 -33.94 8.34
N LEU A 237 16.73 -32.79 8.39
CA LEU A 237 15.41 -32.70 7.78
C LEU A 237 15.50 -32.97 6.28
N VAL A 238 16.45 -32.33 5.61
CA VAL A 238 16.59 -32.54 4.17
C VAL A 238 16.87 -34.01 3.87
N ARG A 239 17.80 -34.63 4.62
CA ARG A 239 18.10 -36.04 4.39
C ARG A 239 16.88 -36.92 4.60
N LYS A 240 16.09 -36.63 5.64
CA LYS A 240 14.86 -37.39 5.86
C LYS A 240 13.86 -37.13 4.73
N ALA A 241 13.79 -35.90 4.24
CA ALA A 241 12.75 -35.55 3.28
C ALA A 241 13.00 -36.12 1.89
N ILE A 242 14.27 -36.26 1.47
CA ILE A 242 14.56 -36.63 0.08
C ILE A 242 13.87 -37.91 -0.35
N PRO A 243 13.98 -39.05 0.35
CA PRO A 243 13.33 -40.26 -0.15
C PRO A 243 11.82 -40.15 -0.20
N LEU A 244 11.23 -39.41 0.73
CA LEU A 244 9.78 -39.20 0.73
C LEU A 244 9.36 -38.26 -0.38
N LEU A 245 10.17 -37.25 -0.67
CA LEU A 245 9.86 -36.38 -1.82
C LEU A 245 10.01 -37.14 -3.13
N LEU A 246 10.92 -38.13 -3.16
CA LEU A 246 11.05 -38.98 -4.35
C LEU A 246 9.84 -39.90 -4.52
N LYS A 247 9.35 -40.50 -3.43
CA LYS A 247 8.08 -41.21 -3.51
C LYS A 247 6.97 -40.30 -4.04
N GLU A 248 6.79 -39.13 -3.43
CA GLU A 248 5.74 -38.22 -3.88
C GLU A 248 5.89 -37.87 -5.36
N TYR A 249 7.12 -37.58 -5.78
CA TYR A 249 7.37 -37.24 -7.17
C TYR A 249 6.98 -38.38 -8.12
N GLU A 250 7.33 -39.63 -7.77
CA GLU A 250 6.94 -40.71 -8.67
C GLU A 250 5.43 -40.93 -8.68
N PHE A 251 4.77 -40.67 -7.53
CA PHE A 251 3.31 -40.71 -7.47
C PHE A 251 2.69 -39.77 -8.49
N TRP A 252 3.17 -38.54 -8.56
CA TRP A 252 2.58 -37.59 -9.50
C TRP A 252 2.97 -37.90 -10.94
N ASN A 253 4.08 -38.61 -11.12
CA ASN A 253 4.63 -38.88 -12.44
C ASN A 253 4.47 -40.34 -12.86
N SER A 254 3.36 -40.96 -12.47
CA SER A 254 3.07 -42.32 -12.86
C SER A 254 1.56 -42.54 -12.79
N GLY A 255 1.12 -43.66 -13.36
CA GLY A 255 -0.28 -44.01 -13.28
C GLY A 255 -1.17 -42.96 -13.89
N LYS A 256 -2.35 -42.78 -13.29
CA LYS A 256 -3.35 -41.86 -13.84
C LYS A 256 -2.96 -40.39 -13.66
N HIS A 257 -2.00 -40.10 -12.77
CA HIS A 257 -1.60 -38.72 -12.57
C HIS A 257 -0.74 -38.19 -13.73
N LYS A 258 -0.06 -39.08 -14.46
CA LYS A 258 0.87 -38.71 -15.51
C LYS A 258 0.17 -38.70 -16.86
N VAL A 259 0.35 -37.61 -17.62
CA VAL A 259 -0.15 -37.54 -18.99
C VAL A 259 1.01 -37.12 -19.88
N VAL A 260 0.90 -37.44 -21.16
CA VAL A 260 1.92 -37.03 -22.12
C VAL A 260 1.25 -36.21 -23.22
N ILE A 261 1.80 -35.02 -23.47
CA ILE A 261 1.31 -34.08 -24.48
C ILE A 261 2.45 -33.86 -25.46
N ARG A 262 2.26 -34.31 -26.71
CA ARG A 262 3.28 -34.18 -27.76
C ARG A 262 3.10 -32.87 -28.52
N ASP A 263 4.21 -32.16 -28.77
CA ASP A 263 4.13 -30.90 -29.49
C ASP A 263 4.53 -31.08 -30.95
N ALA A 264 4.35 -30.00 -31.72
CA ALA A 264 4.52 -30.06 -33.16
C ALA A 264 5.97 -30.29 -33.57
N ASN A 265 6.91 -30.09 -32.67
CA ASN A 265 8.31 -30.38 -32.96
C ASN A 265 8.72 -31.79 -32.57
N GLY A 266 7.79 -32.61 -32.10
CA GLY A 266 8.06 -34.00 -31.80
C GLY A 266 8.39 -34.33 -30.37
N TYR A 267 8.32 -33.36 -29.46
CA TYR A 267 8.72 -33.57 -28.08
C TYR A 267 7.53 -34.03 -27.24
N ASP A 268 7.71 -35.12 -26.51
CA ASP A 268 6.71 -35.58 -25.56
C ASP A 268 6.93 -34.87 -24.23
N HIS A 269 5.91 -34.14 -23.78
CA HIS A 269 5.99 -33.39 -22.53
C HIS A 269 5.26 -34.18 -21.45
N VAL A 270 5.98 -34.52 -20.40
CA VAL A 270 5.40 -35.31 -19.31
C VAL A 270 4.86 -34.35 -18.27
N LEU A 271 3.55 -34.40 -18.04
CA LEU A 271 2.89 -33.45 -17.17
C LEU A 271 1.92 -34.21 -16.27
N SER A 272 1.38 -33.53 -15.27
CA SER A 272 0.47 -34.16 -14.33
C SER A 272 -0.92 -33.53 -14.35
N ARG A 273 -1.90 -34.36 -14.01
CA ARG A 273 -3.25 -33.90 -13.72
C ARG A 273 -3.60 -34.36 -12.31
N TYR A 274 -4.63 -33.75 -11.76
CA TYR A 274 -5.21 -34.31 -10.55
C TYR A 274 -6.03 -35.55 -10.90
N TYR A 275 -6.16 -36.45 -9.95
CA TYR A 275 -6.91 -37.66 -10.21
C TYR A 275 -7.17 -38.34 -8.89
N ALA A 276 -8.30 -38.05 -8.26
CA ALA A 276 -8.64 -38.74 -7.03
C ALA A 276 -8.90 -40.22 -7.28
N MET A 277 -8.44 -41.06 -6.36
CA MET A 277 -8.70 -42.49 -6.46
C MET A 277 -10.00 -42.85 -5.76
N TRP A 278 -11.08 -42.30 -6.31
CA TRP A 278 -12.40 -42.32 -5.67
C TRP A 278 -13.43 -42.08 -6.75
N ASN A 279 -14.53 -42.83 -6.71
CA ASN A 279 -15.59 -42.66 -7.71
C ASN A 279 -16.96 -42.75 -7.06
N LYS A 280 -17.08 -42.23 -5.84
CA LYS A 280 -18.31 -42.20 -5.06
C LYS A 280 -18.50 -40.80 -4.50
N PRO A 281 -19.67 -40.48 -3.96
CA PRO A 281 -19.81 -39.25 -3.19
C PRO A 281 -18.71 -39.14 -2.15
N ARG A 282 -18.16 -37.93 -2.00
CA ARG A 282 -17.23 -37.68 -0.91
C ARG A 282 -17.97 -37.91 0.41
N PRO A 283 -17.46 -38.77 1.29
CA PRO A 283 -18.18 -39.01 2.55
C PRO A 283 -18.50 -37.73 3.30
N GLU A 284 -17.56 -36.80 3.38
CA GLU A 284 -17.77 -35.55 4.12
C GLU A 284 -18.85 -34.67 3.50
N SER A 285 -19.27 -34.93 2.25
CA SER A 285 -20.32 -34.18 1.57
C SER A 285 -21.30 -35.13 0.88
N SER A 286 -21.51 -36.31 1.48
CA SER A 286 -22.15 -37.44 0.80
C SER A 286 -23.56 -37.09 0.33
N VAL A 287 -24.30 -36.35 1.14
CA VAL A 287 -25.67 -35.98 0.75
C VAL A 287 -25.64 -35.03 -0.43
N PHE A 288 -24.82 -33.96 -0.33
CA PHE A 288 -24.69 -33.00 -1.42
C PHE A 288 -24.31 -33.70 -2.73
N ASP A 289 -23.32 -34.60 -2.65
CA ASP A 289 -22.78 -35.23 -3.85
C ASP A 289 -23.77 -36.21 -4.48
N GLU A 290 -24.45 -37.02 -3.66
CA GLU A 290 -25.45 -37.93 -4.23
C GLU A 290 -26.55 -37.15 -4.94
N GLU A 291 -26.94 -36.01 -4.38
CA GLU A 291 -27.96 -35.18 -5.00
C GLU A 291 -27.49 -34.64 -6.35
N SER A 292 -26.25 -34.12 -6.38
CA SER A 292 -25.76 -33.48 -7.59
C SER A 292 -25.60 -34.47 -8.74
N ALA A 293 -25.43 -35.75 -8.44
CA ALA A 293 -25.31 -36.79 -9.46
C ALA A 293 -26.63 -37.47 -9.78
N SER A 294 -27.71 -37.13 -9.06
CA SER A 294 -28.98 -37.82 -9.21
C SER A 294 -29.53 -37.77 -10.63
N GLY A 295 -29.14 -36.76 -11.41
CA GLY A 295 -29.66 -36.55 -12.75
C GLY A 295 -28.99 -37.34 -13.85
N PHE A 296 -27.99 -38.15 -13.53
CA PHE A 296 -27.30 -38.96 -14.52
C PHE A 296 -28.03 -40.28 -14.73
N SER A 297 -28.09 -40.72 -15.99
CA SER A 297 -28.79 -41.96 -16.30
C SER A 297 -28.07 -43.17 -15.73
N THR A 298 -26.83 -43.39 -16.15
CA THR A 298 -26.14 -44.64 -15.85
C THR A 298 -25.28 -44.53 -14.60
N MET A 299 -24.99 -45.69 -14.02
CA MET A 299 -24.03 -45.75 -12.92
C MET A 299 -22.65 -45.29 -13.37
N LEU A 300 -22.26 -45.62 -14.60
CA LEU A 300 -20.94 -45.25 -15.09
C LEU A 300 -20.78 -43.73 -15.18
N GLU A 301 -21.82 -43.02 -15.63
CA GLU A 301 -21.76 -41.55 -15.64
C GLU A 301 -21.63 -40.99 -14.23
N LYS A 302 -22.44 -41.52 -13.29
CA LYS A 302 -22.32 -41.10 -11.90
C LYS A 302 -20.90 -41.30 -11.38
N GLN A 303 -20.32 -42.46 -11.64
CA GLN A 303 -18.99 -42.76 -11.12
C GLN A 303 -17.93 -41.84 -11.72
N ARG A 304 -18.08 -41.52 -13.01
CA ARG A 304 -17.17 -40.56 -13.64
C ARG A 304 -17.32 -39.18 -13.02
N PHE A 305 -18.57 -38.76 -12.77
CA PHE A 305 -18.82 -37.45 -12.18
C PHE A 305 -18.29 -37.37 -10.75
N HIS A 306 -18.49 -38.43 -9.97
CA HIS A 306 -17.98 -38.43 -8.60
C HIS A 306 -16.46 -38.38 -8.58
N ARG A 307 -15.81 -39.05 -9.54
CA ARG A 307 -14.35 -38.95 -9.59
C ARG A 307 -13.93 -37.53 -9.94
N ASP A 308 -14.69 -36.87 -10.82
CA ASP A 308 -14.33 -35.50 -11.17
C ASP A 308 -14.54 -34.55 -10.01
N ILE A 309 -15.54 -34.81 -9.16
CA ILE A 309 -15.75 -33.99 -7.97
C ILE A 309 -14.61 -34.17 -6.97
N ALA A 310 -14.28 -35.43 -6.66
CA ALA A 310 -13.21 -35.68 -5.70
C ALA A 310 -11.86 -35.26 -6.25
N THR A 311 -11.72 -35.21 -7.56
CA THR A 311 -10.51 -34.65 -8.15
C THR A 311 -10.49 -33.14 -8.03
N ALA A 312 -11.65 -32.48 -8.14
CA ALA A 312 -11.65 -31.05 -7.86
C ALA A 312 -11.32 -30.77 -6.40
N ALA A 313 -11.66 -31.68 -5.50
CA ALA A 313 -11.19 -31.52 -4.13
C ALA A 313 -9.67 -31.70 -4.06
N GLU A 314 -9.13 -32.68 -4.77
CA GLU A 314 -7.69 -32.86 -4.79
C GLU A 314 -6.97 -31.63 -5.34
N SER A 315 -7.63 -30.86 -6.20
CA SER A 315 -6.97 -29.67 -6.74
C SER A 315 -6.76 -28.60 -5.69
N GLY A 316 -7.37 -28.75 -4.51
CA GLY A 316 -7.37 -27.71 -3.51
C GLY A 316 -8.33 -26.57 -3.78
N CYS A 317 -9.06 -26.63 -4.89
CA CYS A 317 -9.94 -25.55 -5.32
C CYS A 317 -11.31 -26.16 -5.68
N ALA A 318 -12.02 -26.62 -4.66
CA ALA A 318 -13.36 -27.16 -4.84
C ALA A 318 -14.33 -26.09 -4.34
N PHE A 319 -15.08 -25.47 -5.25
CA PHE A 319 -15.13 -25.81 -6.67
C PHE A 319 -15.05 -24.52 -7.50
N SER A 320 -14.86 -24.68 -8.82
CA SER A 320 -14.64 -23.54 -9.70
C SER A 320 -15.12 -23.86 -11.11
N THR A 321 -15.59 -22.82 -11.80
CA THR A 321 -15.73 -22.87 -13.25
C THR A 321 -14.49 -23.40 -13.96
N ARG A 322 -13.31 -23.22 -13.34
CA ARG A 322 -12.06 -23.76 -13.88
C ARG A 322 -12.17 -25.25 -14.22
N TRP A 323 -12.91 -26.02 -13.42
CA TRP A 323 -12.99 -27.45 -13.63
C TRP A 323 -14.25 -27.90 -14.36
N MET A 324 -15.12 -26.97 -14.77
CA MET A 324 -16.38 -27.32 -15.42
C MET A 324 -16.23 -27.26 -16.94
N ARG A 325 -16.78 -28.25 -17.62
CA ARG A 325 -16.70 -28.26 -19.08
C ARG A 325 -17.61 -27.20 -19.69
N ASP A 326 -18.79 -26.98 -19.11
CA ASP A 326 -19.71 -25.93 -19.53
C ASP A 326 -20.04 -25.06 -18.33
N PRO A 327 -19.14 -24.16 -17.95
CA PRO A 327 -19.39 -23.32 -16.79
C PRO A 327 -20.58 -22.41 -17.04
N PRO A 328 -21.39 -22.12 -16.00
CA PRO A 328 -21.20 -22.46 -14.60
C PRO A 328 -21.98 -23.69 -14.15
N ASN A 329 -22.20 -24.63 -15.08
CA ASN A 329 -22.97 -25.85 -14.82
C ASN A 329 -22.14 -26.81 -13.98
N PHE A 330 -22.48 -26.87 -12.69
CA PHE A 330 -21.78 -27.72 -11.74
C PHE A 330 -21.72 -29.18 -12.17
N THR A 331 -22.82 -29.70 -12.76
CA THR A 331 -22.82 -31.10 -13.14
C THR A 331 -21.84 -31.42 -14.27
N THR A 332 -21.22 -30.40 -14.88
CA THR A 332 -20.23 -30.63 -15.92
C THR A 332 -18.79 -30.61 -15.39
N MET A 333 -18.61 -30.72 -14.06
CA MET A 333 -17.27 -30.90 -13.50
C MET A 333 -16.52 -31.97 -14.26
N ALA A 334 -15.27 -31.69 -14.61
CA ALA A 334 -14.51 -32.58 -15.48
C ALA A 334 -13.03 -32.50 -15.12
N THR A 335 -12.73 -32.54 -13.82
CA THR A 335 -11.38 -32.19 -13.37
C THR A 335 -10.32 -33.15 -13.87
N THR A 336 -10.65 -34.42 -14.13
CA THR A 336 -9.62 -35.34 -14.56
C THR A 336 -9.22 -35.11 -16.01
N SER A 337 -9.87 -34.18 -16.72
CA SER A 337 -9.50 -33.85 -18.09
C SER A 337 -8.57 -32.66 -18.16
N VAL A 338 -8.27 -32.02 -17.04
CA VAL A 338 -7.55 -30.74 -17.01
C VAL A 338 -6.11 -31.01 -16.62
N VAL A 339 -5.17 -30.62 -17.50
CA VAL A 339 -3.75 -30.54 -17.16
C VAL A 339 -3.51 -29.14 -16.60
N PRO A 340 -3.42 -28.98 -15.28
CA PRO A 340 -3.51 -27.63 -14.70
C PRO A 340 -2.17 -26.93 -14.56
N VAL A 341 -2.22 -25.61 -14.79
CA VAL A 341 -1.02 -24.79 -14.73
C VAL A 341 -0.40 -24.84 -13.35
N ASP A 342 -1.22 -24.65 -12.32
CA ASP A 342 -0.63 -24.50 -10.99
C ASP A 342 -0.04 -25.81 -10.48
N LEU A 343 -0.74 -26.93 -10.71
CA LEU A 343 -0.19 -28.25 -10.35
C LEU A 343 1.18 -28.45 -10.97
N ASN A 344 1.33 -28.07 -12.23
CA ASN A 344 2.61 -28.31 -12.86
C ASN A 344 3.66 -27.28 -12.49
N VAL A 345 3.23 -26.08 -12.04
CA VAL A 345 4.16 -25.17 -11.36
C VAL A 345 4.73 -25.84 -10.11
N PHE A 346 3.87 -26.42 -9.28
CA PHE A 346 4.35 -27.08 -8.07
C PHE A 346 5.26 -28.25 -8.37
N LEU A 347 4.99 -28.99 -9.46
CA LEU A 347 5.89 -30.08 -9.81
C LEU A 347 7.21 -29.56 -10.37
N LEU A 348 7.19 -28.45 -11.13
CA LEU A 348 8.44 -27.75 -11.45
C LEU A 348 9.15 -27.32 -10.18
N LYS A 349 8.39 -26.77 -9.24
CA LYS A 349 8.98 -26.40 -7.96
C LYS A 349 9.62 -27.62 -7.28
N MET A 350 8.96 -28.78 -7.35
CA MET A 350 9.51 -30.00 -6.74
C MET A 350 10.83 -30.39 -7.39
N GLU A 351 10.91 -30.28 -8.72
CA GLU A 351 12.14 -30.66 -9.40
C GLU A 351 13.28 -29.72 -9.03
N LEU A 352 12.99 -28.42 -8.91
CA LEU A 352 13.99 -27.46 -8.44
C LEU A 352 14.37 -27.71 -6.99
N ASP A 353 13.38 -27.97 -6.13
CA ASP A 353 13.65 -28.22 -4.72
C ASP A 353 14.50 -29.47 -4.54
N ILE A 354 14.14 -30.55 -5.25
CA ILE A 354 14.83 -31.82 -5.04
C ILE A 354 16.24 -31.76 -5.60
N ALA A 355 16.44 -31.02 -6.70
CA ALA A 355 17.79 -30.82 -7.21
C ALA A 355 18.63 -30.05 -6.21
N PHE A 356 18.06 -29.01 -5.61
CA PHE A 356 18.79 -28.26 -4.59
C PHE A 356 19.13 -29.14 -3.41
N MET A 357 18.18 -29.96 -2.97
CA MET A 357 18.40 -30.77 -1.77
C MET A 357 19.42 -31.86 -2.01
N MET A 358 19.43 -32.47 -3.20
CA MET A 358 20.42 -33.51 -3.42
C MET A 358 21.81 -32.91 -3.62
N LYS A 359 21.90 -31.70 -4.18
CA LYS A 359 23.17 -30.98 -4.19
C LYS A 359 23.65 -30.72 -2.78
N VAL A 360 22.76 -30.27 -1.91
CA VAL A 360 23.10 -30.01 -0.52
C VAL A 360 23.57 -31.28 0.16
N SER A 361 22.85 -32.38 -0.06
CA SER A 361 23.16 -33.65 0.58
C SER A 361 24.34 -34.38 -0.09
N GLY A 362 24.86 -33.85 -1.19
CA GLY A 362 26.01 -34.44 -1.83
C GLY A 362 25.72 -35.57 -2.80
N ASP A 363 24.55 -35.56 -3.44
CA ASP A 363 24.19 -36.55 -4.46
C ASP A 363 24.17 -35.79 -5.80
N GLN A 364 25.34 -35.75 -6.45
CA GLN A 364 25.48 -34.92 -7.65
C GLN A 364 24.76 -35.54 -8.84
N ASN A 365 24.85 -36.86 -9.01
CA ASN A 365 24.15 -37.49 -10.12
C ASN A 365 22.64 -37.45 -9.91
N GLY A 366 22.18 -37.53 -8.66
CA GLY A 366 20.77 -37.33 -8.39
C GLY A 366 20.32 -35.92 -8.72
N SER A 367 21.14 -34.92 -8.33
CA SER A 367 20.81 -33.53 -8.63
C SER A 367 20.76 -33.26 -10.12
N ASP A 368 21.55 -34.00 -10.91
CA ASP A 368 21.48 -33.79 -12.35
C ASP A 368 20.20 -34.38 -12.95
N ARG A 369 19.65 -35.45 -12.37
CA ARG A 369 18.39 -35.99 -12.87
C ARG A 369 17.28 -34.96 -12.78
N PHE A 370 17.23 -34.19 -11.69
CA PHE A 370 16.14 -33.25 -11.48
C PHE A 370 16.41 -31.89 -12.12
N VAL A 371 17.68 -31.55 -12.36
CA VAL A 371 17.96 -30.41 -13.24
C VAL A 371 17.45 -30.72 -14.64
N LYS A 372 17.72 -31.93 -15.14
CA LYS A 372 17.19 -32.33 -16.45
C LYS A 372 15.67 -32.32 -16.44
N ALA A 373 15.06 -32.75 -15.34
CA ALA A 373 13.60 -32.76 -15.26
C ALA A 373 13.04 -31.35 -15.26
N SER A 374 13.65 -30.44 -14.50
CA SER A 374 13.11 -29.10 -14.39
C SER A 374 13.25 -28.35 -15.72
N LYS A 375 14.36 -28.56 -16.43
CA LYS A 375 14.47 -27.93 -17.74
C LYS A 375 13.42 -28.47 -18.69
N ALA A 376 13.07 -29.75 -18.55
CA ALA A 376 12.09 -30.35 -19.45
C ALA A 376 10.68 -29.85 -19.14
N ARG A 377 10.37 -29.60 -17.87
CA ARG A 377 9.08 -29.01 -17.55
C ARG A 377 9.06 -27.52 -17.90
N GLU A 378 10.20 -26.83 -17.79
CA GLU A 378 10.28 -25.45 -18.26
C GLU A 378 9.98 -25.38 -19.76
N LYS A 379 10.47 -26.34 -20.53
CA LYS A 379 10.14 -26.42 -21.95
C LYS A 379 8.65 -26.63 -22.14
N ALA A 380 8.05 -27.46 -21.29
CA ALA A 380 6.62 -27.73 -21.42
C ALA A 380 5.79 -26.50 -21.12
N PHE A 381 6.25 -25.62 -20.22
CA PHE A 381 5.49 -24.41 -19.94
C PHE A 381 5.53 -23.44 -21.12
N GLN A 382 6.65 -23.40 -21.83
CA GLN A 382 6.75 -22.51 -22.99
C GLN A 382 5.88 -23.00 -24.14
N THR A 383 5.64 -24.31 -24.24
CA THR A 383 4.97 -24.90 -25.40
C THR A 383 3.53 -25.28 -25.14
N VAL A 384 3.28 -25.95 -24.03
CA VAL A 384 1.96 -26.51 -23.74
C VAL A 384 1.05 -25.49 -23.07
N PHE A 385 1.57 -24.73 -22.12
CA PHE A 385 0.77 -23.86 -21.28
C PHE A 385 0.73 -22.40 -21.74
N TRP A 386 1.87 -21.82 -22.11
CA TRP A 386 1.94 -20.42 -22.45
C TRP A 386 0.95 -20.09 -23.57
N ASN A 387 0.37 -18.89 -23.51
CA ASN A 387 -0.43 -18.34 -24.60
C ASN A 387 0.00 -16.90 -24.78
N GLU A 388 0.71 -16.63 -25.87
CA GLU A 388 1.32 -15.32 -26.09
C GLU A 388 0.25 -14.23 -26.20
N LYS A 389 -0.85 -14.51 -26.91
CA LYS A 389 -1.92 -13.54 -27.07
C LYS A 389 -2.47 -13.09 -25.71
N ALA A 390 -2.60 -14.03 -24.78
CA ALA A 390 -3.17 -13.71 -23.48
C ALA A 390 -2.13 -13.19 -22.49
N GLY A 391 -0.85 -13.46 -22.74
CA GLY A 391 0.19 -13.08 -21.80
C GLY A 391 0.13 -13.87 -20.51
N GLN A 392 -0.38 -15.09 -20.54
CA GLN A 392 -0.48 -15.90 -19.35
C GLN A 392 -0.45 -17.37 -19.75
N TRP A 393 -0.47 -18.25 -18.75
CA TRP A 393 -0.45 -19.68 -18.96
C TRP A 393 -1.85 -20.26 -18.80
N LEU A 394 -2.20 -21.24 -19.62
CA LEU A 394 -3.57 -21.75 -19.70
C LEU A 394 -3.64 -23.22 -19.33
N ASP A 395 -4.66 -23.62 -18.56
CA ASP A 395 -4.90 -25.05 -18.35
C ASP A 395 -5.06 -25.71 -19.71
N TYR A 396 -4.56 -26.92 -19.82
CA TYR A 396 -4.69 -27.70 -21.06
C TYR A 396 -5.71 -28.82 -20.86
N TRP A 397 -6.79 -28.80 -21.65
CA TRP A 397 -7.83 -29.82 -21.53
C TRP A 397 -7.53 -30.96 -22.49
N LEU A 398 -7.55 -32.18 -21.96
CA LEU A 398 -7.27 -33.36 -22.75
C LEU A 398 -8.41 -33.65 -23.72
N SER A 399 -8.05 -34.19 -24.89
CA SER A 399 -9.04 -34.69 -25.84
C SER A 399 -9.52 -36.08 -25.50
N SER A 400 -8.67 -36.88 -24.86
CA SER A 400 -9.01 -38.28 -24.59
C SER A 400 -8.97 -38.57 -23.09
N SER A 401 -8.79 -39.84 -22.74
CA SER A 401 -8.84 -40.28 -21.35
C SER A 401 -7.53 -40.02 -20.61
N GLY A 402 -6.44 -39.82 -21.33
CA GLY A 402 -5.14 -39.65 -20.71
C GLY A 402 -4.33 -40.93 -20.59
N GLU A 403 -4.86 -42.07 -21.04
CA GLU A 403 -4.10 -43.31 -21.04
C GLU A 403 -2.88 -43.22 -21.95
N GLU A 404 -3.10 -42.79 -23.19
CA GLU A 404 -2.04 -42.65 -24.17
C GLU A 404 -1.76 -41.17 -24.41
N SER A 405 -0.57 -40.90 -24.96
CA SER A 405 -0.20 -39.52 -25.23
C SER A 405 -1.17 -38.91 -26.23
N GLU A 406 -1.25 -37.59 -26.23
CA GLU A 406 -1.99 -36.91 -27.27
C GLU A 406 -1.21 -35.71 -27.78
N THR A 407 -1.61 -35.26 -28.95
CA THR A 407 -0.96 -34.15 -29.61
C THR A 407 -1.60 -32.84 -29.19
N TRP A 408 -0.76 -31.86 -28.87
CA TRP A 408 -1.20 -30.55 -28.45
C TRP A 408 -2.01 -29.86 -29.54
N LYS A 409 -3.12 -29.26 -29.13
CA LYS A 409 -3.95 -28.42 -30.00
C LYS A 409 -4.23 -27.10 -29.31
N ALA A 410 -4.04 -26.00 -30.04
CA ALA A 410 -4.27 -24.68 -29.47
C ALA A 410 -5.69 -24.55 -28.94
N GLU A 411 -6.65 -25.20 -29.58
CA GLU A 411 -8.02 -25.03 -29.15
C GLU A 411 -8.32 -25.72 -27.83
N ASN A 412 -7.39 -26.54 -27.34
CA ASN A 412 -7.61 -27.27 -26.09
C ASN A 412 -7.11 -26.50 -24.88
N GLN A 413 -6.53 -25.33 -25.09
CA GLN A 413 -6.18 -24.42 -24.00
C GLN A 413 -7.43 -23.75 -23.48
N ASN A 414 -7.59 -23.71 -22.15
CA ASN A 414 -8.72 -22.99 -21.57
C ASN A 414 -8.39 -21.50 -21.52
N THR A 415 -9.01 -20.70 -22.41
CA THR A 415 -8.71 -19.28 -22.43
C THR A 415 -9.44 -18.47 -21.35
N ASN A 416 -10.23 -19.10 -20.51
CA ASN A 416 -10.82 -18.36 -19.39
C ASN A 416 -9.70 -17.86 -18.46
N VAL A 417 -9.98 -16.78 -17.75
CA VAL A 417 -8.96 -16.06 -16.98
C VAL A 417 -9.09 -16.44 -15.51
N PHE A 418 -7.98 -16.95 -14.95
CA PHE A 418 -7.92 -17.38 -13.56
C PHE A 418 -6.64 -16.88 -12.90
N ALA A 419 -6.68 -16.78 -11.57
CA ALA A 419 -5.46 -16.41 -10.85
C ALA A 419 -4.40 -17.50 -11.00
N SER A 420 -4.83 -18.75 -11.12
CA SER A 420 -3.90 -19.84 -11.34
C SER A 420 -3.16 -19.70 -12.66
N ASN A 421 -3.74 -18.96 -13.63
CA ASN A 421 -3.06 -18.78 -14.91
C ASN A 421 -1.74 -18.04 -14.74
N PHE A 422 -1.60 -17.28 -13.66
CA PHE A 422 -0.42 -16.50 -13.39
C PHE A 422 0.49 -17.15 -12.38
N ALA A 423 0.13 -18.35 -11.92
CA ALA A 423 0.96 -19.12 -11.00
C ALA A 423 2.41 -19.28 -11.43
N PRO A 424 2.77 -19.46 -12.72
CA PRO A 424 4.18 -19.68 -13.07
C PRO A 424 5.09 -18.52 -12.75
N ILE A 425 4.55 -17.32 -12.57
CA ILE A 425 5.36 -16.17 -12.13
C ILE A 425 6.08 -16.46 -10.83
N TRP A 426 5.61 -17.46 -10.07
CA TRP A 426 6.22 -17.86 -8.81
C TRP A 426 7.57 -18.51 -8.99
N ILE A 427 7.82 -19.08 -10.18
CA ILE A 427 9.04 -19.82 -10.48
C ILE A 427 10.14 -18.86 -10.92
N ASN A 428 11.33 -19.03 -10.33
CA ASN A 428 12.38 -18.04 -10.52
C ASN A 428 12.88 -17.99 -11.96
N SER A 429 12.90 -19.10 -12.68
CA SER A 429 13.35 -19.02 -14.07
C SER A 429 12.40 -18.16 -14.91
N ILE A 430 11.15 -18.04 -14.49
CA ILE A 430 10.21 -17.18 -15.16
C ILE A 430 10.27 -15.75 -14.66
N ASN A 431 10.24 -15.55 -13.34
CA ASN A 431 10.26 -14.17 -12.89
C ASN A 431 11.63 -13.51 -13.07
N SER A 432 12.67 -14.29 -13.43
CA SER A 432 13.98 -13.75 -13.80
C SER A 432 14.04 -13.22 -15.22
N ASP A 433 13.05 -13.54 -16.04
CA ASP A 433 13.03 -13.19 -17.47
C ASP A 433 12.33 -11.85 -17.60
N GLU A 434 13.10 -10.77 -17.79
CA GLU A 434 12.53 -9.43 -17.75
C GLU A 434 11.47 -9.24 -18.82
N ASN A 435 11.77 -9.66 -20.06
CA ASN A 435 10.83 -9.45 -21.15
C ASN A 435 9.53 -10.20 -20.90
N LEU A 436 9.64 -11.42 -20.38
CA LEU A 436 8.45 -12.20 -20.08
C LEU A 436 7.64 -11.56 -18.96
N VAL A 437 8.32 -11.09 -17.91
CA VAL A 437 7.62 -10.48 -16.78
C VAL A 437 6.80 -9.28 -17.26
N LYS A 438 7.40 -8.44 -18.11
CA LYS A 438 6.70 -7.28 -18.65
C LYS A 438 5.40 -7.69 -19.32
N LYS A 439 5.42 -8.76 -20.13
CA LYS A 439 4.21 -9.25 -20.76
C LYS A 439 3.19 -9.72 -19.72
N VAL A 440 3.64 -10.39 -18.67
CA VAL A 440 2.72 -10.92 -17.66
C VAL A 440 2.10 -9.78 -16.83
N VAL A 441 2.91 -8.79 -16.46
CA VAL A 441 2.41 -7.63 -15.76
C VAL A 441 1.31 -6.95 -16.58
N THR A 442 1.56 -6.76 -17.88
CA THR A 442 0.55 -6.15 -18.72
C THR A 442 -0.71 -7.01 -18.76
N ALA A 443 -0.55 -8.33 -18.87
CA ALA A 443 -1.71 -9.20 -18.94
C ALA A 443 -2.48 -9.20 -17.62
N LEU A 444 -1.77 -9.23 -16.50
CA LEU A 444 -2.46 -9.16 -15.20
C LEU A 444 -3.11 -7.79 -15.00
N LYS A 445 -2.40 -6.72 -15.34
CA LYS A 445 -2.96 -5.39 -15.23
C LYS A 445 -4.27 -5.27 -16.02
N ASN A 446 -4.31 -5.85 -17.21
CA ASN A 446 -5.46 -5.68 -18.08
C ASN A 446 -6.51 -6.78 -17.98
N SER A 447 -6.29 -7.80 -17.13
CA SER A 447 -7.14 -8.99 -17.11
C SER A 447 -8.50 -8.74 -16.49
N GLY A 448 -8.60 -7.81 -15.55
CA GLY A 448 -9.78 -7.70 -14.72
C GLY A 448 -9.69 -8.46 -13.41
N LEU A 449 -8.60 -9.18 -13.18
CA LEU A 449 -8.46 -9.91 -11.93
C LEU A 449 -8.06 -9.02 -10.77
N ILE A 450 -7.44 -7.88 -11.03
CA ILE A 450 -6.97 -7.01 -9.95
C ILE A 450 -8.15 -6.18 -9.45
N ALA A 451 -8.59 -6.47 -8.24
CA ALA A 451 -9.78 -5.97 -7.59
C ALA A 451 -9.39 -5.10 -6.39
N PRO A 452 -10.33 -4.33 -5.83
CA PRO A 452 -9.97 -3.43 -4.72
C PRO A 452 -9.20 -4.08 -3.58
N ALA A 453 -9.42 -5.36 -3.31
CA ALA A 453 -8.80 -6.02 -2.17
C ALA A 453 -7.79 -7.08 -2.56
N GLY A 454 -7.50 -7.25 -3.86
CA GLY A 454 -6.53 -8.24 -4.25
C GLY A 454 -6.89 -8.86 -5.59
N ILE A 455 -6.43 -10.09 -5.77
CA ILE A 455 -6.51 -10.77 -7.06
C ILE A 455 -7.70 -11.72 -7.05
N LEU A 456 -8.72 -11.41 -7.86
CA LEU A 456 -9.82 -12.34 -8.09
C LEU A 456 -9.31 -13.69 -8.55
N THR A 457 -9.94 -14.77 -8.07
CA THR A 457 -9.54 -16.11 -8.49
C THR A 457 -10.10 -16.49 -9.87
N SER A 458 -11.23 -15.90 -10.28
CA SER A 458 -11.73 -16.03 -11.65
C SER A 458 -12.56 -14.79 -11.96
N LEU A 459 -13.06 -14.72 -13.19
CA LEU A 459 -13.92 -13.60 -13.58
C LEU A 459 -15.39 -13.98 -13.63
N THR A 460 -15.76 -15.21 -13.26
CA THR A 460 -17.15 -15.66 -13.38
C THR A 460 -17.78 -15.81 -12.01
N ASN A 461 -18.89 -15.12 -11.78
CA ASN A 461 -19.62 -15.25 -10.51
C ASN A 461 -20.58 -16.43 -10.63
N SER A 462 -20.07 -17.60 -10.26
CA SER A 462 -20.77 -18.87 -10.40
C SER A 462 -21.56 -19.23 -9.16
N GLY A 463 -21.33 -18.55 -8.04
CA GLY A 463 -21.81 -18.99 -6.75
C GLY A 463 -20.93 -20.03 -6.08
N GLN A 464 -19.89 -20.52 -6.75
CA GLN A 464 -18.91 -21.39 -6.14
C GLN A 464 -17.85 -20.53 -5.43
N GLN A 465 -17.12 -21.15 -4.50
CA GLN A 465 -16.26 -20.34 -3.66
C GLN A 465 -14.94 -20.04 -4.35
N TRP A 466 -14.49 -20.88 -5.26
CA TRP A 466 -13.26 -20.60 -6.00
C TRP A 466 -13.60 -19.94 -7.34
N ASP A 467 -14.33 -18.83 -7.23
CA ASP A 467 -14.70 -18.01 -8.38
C ASP A 467 -14.87 -16.58 -7.90
N SER A 468 -14.99 -15.66 -8.86
CA SER A 468 -15.40 -14.31 -8.54
C SER A 468 -16.66 -14.35 -7.68
N PRO A 469 -16.82 -13.47 -6.69
CA PRO A 469 -16.00 -12.31 -6.35
C PRO A 469 -14.88 -12.59 -5.36
N ASN A 470 -14.50 -13.86 -5.16
CA ASN A 470 -13.55 -14.21 -4.10
C ASN A 470 -12.09 -14.15 -4.58
N GLY A 471 -11.22 -13.78 -3.65
CA GLY A 471 -9.79 -14.00 -3.79
C GLY A 471 -9.27 -14.80 -2.62
N TRP A 472 -8.17 -15.54 -2.86
CA TRP A 472 -7.69 -16.58 -1.94
C TRP A 472 -6.22 -16.38 -1.60
N ALA A 473 -5.89 -16.54 -0.31
CA ALA A 473 -4.53 -16.29 0.19
C ALA A 473 -3.43 -16.97 -0.61
N PRO A 474 -3.44 -18.29 -0.83
CA PRO A 474 -2.33 -18.91 -1.60
C PRO A 474 -2.11 -18.28 -2.95
N GLN A 475 -3.19 -17.80 -3.60
CA GLN A 475 -3.09 -17.26 -4.94
C GLN A 475 -2.54 -15.84 -4.93
N GLN A 476 -2.84 -15.07 -3.88
CA GLN A 476 -2.22 -13.76 -3.71
C GLN A 476 -0.73 -13.90 -3.51
N GLU A 477 -0.33 -14.83 -2.63
CA GLU A 477 1.06 -14.95 -2.23
C GLU A 477 1.94 -15.36 -3.40
N MET A 478 1.47 -16.27 -4.24
CA MET A 478 2.32 -16.76 -5.31
C MET A 478 2.60 -15.66 -6.32
N ILE A 479 1.59 -14.82 -6.59
CA ILE A 479 1.77 -13.74 -7.56
C ILE A 479 2.62 -12.61 -6.97
N VAL A 480 2.35 -12.21 -5.72
CA VAL A 480 3.13 -11.16 -5.07
C VAL A 480 4.57 -11.59 -4.91
N THR A 481 4.81 -12.80 -4.39
CA THR A 481 6.18 -13.26 -4.23
C THR A 481 6.91 -13.32 -5.58
N GLY A 482 6.28 -13.92 -6.59
CA GLY A 482 6.95 -14.05 -7.88
C GLY A 482 7.20 -12.72 -8.54
N LEU A 483 6.19 -11.85 -8.60
CA LEU A 483 6.38 -10.51 -9.17
C LEU A 483 7.44 -9.74 -8.41
N GLY A 484 7.43 -9.84 -7.07
CA GLY A 484 8.38 -9.11 -6.27
C GLY A 484 9.83 -9.53 -6.48
N ARG A 485 10.06 -10.72 -7.03
CA ARG A 485 11.41 -11.21 -7.25
C ARG A 485 12.00 -10.78 -8.58
N SER A 486 11.16 -10.35 -9.53
CA SER A 486 11.69 -9.84 -10.79
C SER A 486 12.41 -8.52 -10.57
N SER A 487 13.24 -8.15 -11.54
CA SER A 487 13.92 -6.88 -11.52
C SER A 487 13.11 -5.77 -12.18
N VAL A 488 11.89 -6.08 -12.61
CA VAL A 488 11.05 -5.14 -13.35
C VAL A 488 10.34 -4.22 -12.37
N LYS A 489 10.55 -2.91 -12.52
CA LYS A 489 10.00 -1.94 -11.58
C LYS A 489 8.47 -2.02 -11.51
N GLU A 490 7.83 -2.14 -12.66
CA GLU A 490 6.36 -2.25 -12.70
C GLU A 490 5.88 -3.47 -11.94
N ALA A 491 6.66 -4.55 -11.94
CA ALA A 491 6.27 -5.78 -11.27
C ALA A 491 6.40 -5.64 -9.76
N LYS A 492 7.55 -5.14 -9.28
CA LYS A 492 7.72 -4.94 -7.85
C LYS A 492 6.69 -3.97 -7.29
N GLU A 493 6.39 -2.92 -8.05
CA GLU A 493 5.33 -1.99 -7.67
C GLU A 493 4.00 -2.71 -7.54
N MET A 494 3.67 -3.52 -8.55
CA MET A 494 2.39 -4.22 -8.57
C MET A 494 2.28 -5.21 -7.42
N ALA A 495 3.37 -5.92 -7.12
CA ALA A 495 3.34 -6.87 -6.01
C ALA A 495 3.05 -6.17 -4.69
N GLU A 496 3.78 -5.09 -4.40
CA GLU A 496 3.56 -4.37 -3.14
C GLU A 496 2.14 -3.81 -3.06
N ASP A 497 1.63 -3.31 -4.17
CA ASP A 497 0.28 -2.74 -4.18
C ASP A 497 -0.76 -3.81 -3.88
N ILE A 498 -0.62 -5.00 -4.49
CA ILE A 498 -1.52 -6.10 -4.20
C ILE A 498 -1.37 -6.54 -2.74
N ALA A 499 -0.13 -6.63 -2.25
CA ALA A 499 0.04 -7.09 -0.87
C ALA A 499 -0.61 -6.14 0.13
N ARG A 500 -0.53 -4.83 -0.12
CA ARG A 500 -1.12 -3.89 0.83
C ARG A 500 -2.64 -3.89 0.72
N ARG A 501 -3.17 -4.07 -0.50
CA ARG A 501 -4.62 -4.26 -0.67
C ARG A 501 -5.11 -5.43 0.17
N TRP A 502 -4.39 -6.55 0.08
CA TRP A 502 -4.80 -7.77 0.75
C TRP A 502 -4.73 -7.62 2.27
N ILE A 503 -3.57 -7.16 2.77
CA ILE A 503 -3.42 -6.85 4.20
C ILE A 503 -4.54 -5.93 4.68
N LYS A 504 -4.74 -4.81 3.98
CA LYS A 504 -5.69 -3.80 4.44
C LYS A 504 -7.09 -4.36 4.53
N SER A 505 -7.52 -5.09 3.51
CA SER A 505 -8.86 -5.65 3.50
C SER A 505 -9.05 -6.66 4.64
N ASN A 506 -8.04 -7.51 4.85
CA ASN A 506 -8.14 -8.46 5.95
C ASN A 506 -8.23 -7.76 7.29
N TYR A 507 -7.51 -6.64 7.45
CA TYR A 507 -7.61 -5.88 8.69
C TYR A 507 -9.00 -5.27 8.86
N LEU A 508 -9.56 -4.74 7.77
CA LEU A 508 -10.89 -4.15 7.85
C LEU A 508 -11.94 -5.20 8.19
N VAL A 509 -11.82 -6.39 7.60
CA VAL A 509 -12.68 -7.52 7.97
C VAL A 509 -12.52 -7.83 9.46
N TYR A 510 -11.29 -7.89 9.93
CA TYR A 510 -11.04 -8.24 11.33
C TYR A 510 -11.56 -7.17 12.28
N LYS A 511 -11.52 -5.90 11.85
CA LYS A 511 -11.98 -4.82 12.71
C LYS A 511 -13.46 -4.96 13.02
N LYS A 512 -14.20 -5.59 12.10
CA LYS A 512 -15.63 -5.83 12.25
C LYS A 512 -15.90 -7.10 13.04
N SER A 513 -15.25 -8.21 12.66
CA SER A 513 -15.61 -9.55 13.09
C SER A 513 -14.68 -10.15 14.13
N GLY A 514 -13.51 -9.56 14.37
CA GLY A 514 -12.54 -10.15 15.27
C GLY A 514 -12.00 -11.49 14.84
N THR A 515 -12.15 -11.83 13.56
CA THR A 515 -11.74 -13.11 13.04
C THR A 515 -11.04 -12.89 11.70
N ILE A 516 -10.23 -13.85 11.31
CA ILE A 516 -9.63 -13.87 9.98
C ILE A 516 -10.37 -14.88 9.11
N HIS A 517 -10.70 -14.48 7.90
CA HIS A 517 -11.56 -15.30 7.07
C HIS A 517 -10.78 -16.14 6.07
N GLU A 518 -11.44 -17.24 5.67
CA GLU A 518 -10.92 -18.21 4.73
C GLU A 518 -10.64 -17.57 3.38
N LYS A 519 -11.54 -16.70 2.92
CA LYS A 519 -11.39 -16.09 1.62
C LYS A 519 -12.05 -14.73 1.67
N LEU A 520 -11.61 -13.83 0.80
CA LEU A 520 -12.10 -12.46 0.80
C LEU A 520 -12.97 -12.23 -0.42
N LYS A 521 -13.94 -11.32 -0.28
CA LYS A 521 -14.74 -10.89 -1.42
C LYS A 521 -13.97 -9.70 -1.97
N VAL A 522 -13.02 -9.96 -2.88
CA VAL A 522 -12.02 -8.93 -3.16
C VAL A 522 -12.57 -7.81 -4.02
N THR A 523 -13.76 -7.99 -4.59
CA THR A 523 -14.42 -6.89 -5.29
C THR A 523 -14.78 -5.73 -4.37
N GLU A 524 -14.73 -5.93 -3.05
CA GLU A 524 -15.10 -4.88 -2.10
C GLU A 524 -14.13 -4.89 -0.92
N LEU A 525 -13.62 -3.72 -0.56
CA LEU A 525 -12.69 -3.63 0.54
C LEU A 525 -13.38 -3.99 1.85
N GLY A 526 -12.74 -4.85 2.64
CA GLY A 526 -13.24 -5.18 3.96
C GLY A 526 -14.44 -6.11 4.04
N GLU A 527 -14.65 -6.96 3.03
CA GLU A 527 -15.70 -7.96 3.02
C GLU A 527 -15.11 -9.36 2.83
N TYR A 528 -15.58 -10.31 3.63
CA TYR A 528 -15.15 -11.68 3.40
C TYR A 528 -16.05 -12.35 2.36
N GLY A 529 -15.54 -13.44 1.79
CA GLY A 529 -16.24 -14.19 0.77
C GLY A 529 -16.99 -15.43 1.27
N GLY A 530 -17.90 -15.91 0.43
CA GLY A 530 -18.70 -17.07 0.74
C GLY A 530 -18.87 -17.91 -0.51
N GLY A 531 -20.03 -18.55 -0.68
CA GLY A 531 -20.27 -19.41 -1.82
C GLY A 531 -19.93 -20.86 -1.56
N GLY A 532 -20.43 -21.73 -2.44
CA GLY A 532 -20.13 -23.13 -2.32
C GLY A 532 -21.01 -23.82 -1.28
N GLU A 533 -20.55 -24.98 -0.84
CA GLU A 533 -21.39 -25.92 -0.09
C GLU A 533 -21.38 -25.69 1.40
N TYR A 534 -20.54 -24.79 1.92
CA TYR A 534 -20.48 -24.56 3.35
C TYR A 534 -20.30 -23.06 3.61
N MET A 535 -20.61 -22.65 4.83
CA MET A 535 -20.59 -21.24 5.21
C MET A 535 -19.14 -20.74 5.29
N PRO A 536 -18.94 -19.43 5.16
CA PRO A 536 -17.58 -18.87 5.35
C PRO A 536 -16.98 -19.32 6.67
N GLN A 537 -15.72 -19.73 6.61
CA GLN A 537 -15.00 -20.26 7.77
C GLN A 537 -13.91 -19.30 8.21
N THR A 538 -13.63 -19.31 9.51
CA THR A 538 -12.66 -18.39 10.10
C THR A 538 -11.51 -19.17 10.73
N GLY A 539 -10.42 -18.45 10.99
CA GLY A 539 -9.23 -19.05 11.55
C GLY A 539 -8.10 -18.07 11.34
N PHE A 540 -7.49 -18.09 10.17
CA PHE A 540 -7.62 -19.19 9.21
C PHE A 540 -6.22 -19.42 8.67
N GLY A 541 -5.72 -20.64 8.82
CA GLY A 541 -4.36 -21.03 8.50
C GLY A 541 -3.63 -20.21 7.45
N TRP A 542 -3.92 -20.45 6.17
CA TRP A 542 -3.17 -19.76 5.13
C TRP A 542 -3.46 -18.27 5.08
N SER A 543 -4.63 -17.84 5.56
CA SER A 543 -4.90 -16.41 5.56
C SER A 543 -4.06 -15.71 6.60
N ASN A 544 -3.93 -16.30 7.78
CA ASN A 544 -3.03 -15.74 8.79
C ASN A 544 -1.60 -15.77 8.25
N GLY A 545 -1.24 -16.83 7.54
CA GLY A 545 0.15 -17.03 7.15
C GLY A 545 0.58 -16.00 6.12
N VAL A 546 -0.30 -15.67 5.18
CA VAL A 546 0.01 -14.69 4.14
C VAL A 546 -0.02 -13.27 4.69
N ILE A 547 -0.95 -12.96 5.59
CA ILE A 547 -0.96 -11.66 6.24
C ILE A 547 0.40 -11.40 6.90
N LEU A 548 0.89 -12.38 7.65
CA LEU A 548 2.15 -12.19 8.38
C LEU A 548 3.32 -12.16 7.42
N ALA A 549 3.30 -13.03 6.40
CA ALA A 549 4.41 -13.10 5.45
C ALA A 549 4.51 -11.81 4.63
N PHE A 550 3.37 -11.27 4.20
CA PHE A 550 3.36 -10.01 3.46
C PHE A 550 3.87 -8.87 4.34
N LEU A 551 3.44 -8.83 5.60
CA LEU A 551 3.90 -7.76 6.48
C LEU A 551 5.40 -7.83 6.70
N GLU A 552 5.96 -9.04 6.82
CA GLU A 552 7.40 -9.14 7.05
C GLU A 552 8.17 -8.69 5.80
N GLU A 553 7.64 -9.02 4.63
CA GLU A 553 8.28 -8.61 3.39
C GLU A 553 8.17 -7.11 3.16
N TYR A 554 7.02 -6.51 3.46
CA TYR A 554 6.77 -5.14 3.03
C TYR A 554 6.74 -4.11 4.17
N GLY A 555 6.52 -4.53 5.41
CA GLY A 555 6.44 -3.57 6.50
C GLY A 555 5.22 -2.67 6.36
N TRP A 556 5.14 -1.68 7.25
CA TRP A 556 4.05 -0.70 7.19
C TRP A 556 4.48 0.59 7.87
N PRO A 557 4.72 1.65 7.12
CA PRO A 557 5.18 2.91 7.73
C PRO A 557 4.18 3.45 8.74
N SER A 558 4.69 4.25 9.69
CA SER A 558 3.83 4.79 10.72
C SER A 558 2.76 5.70 10.14
N HIS A 559 3.11 6.49 9.14
CA HIS A 559 2.19 7.47 8.59
C HIS A 559 1.30 6.92 7.48
N LEU A 560 1.49 5.67 7.08
CA LEU A 560 0.62 5.06 6.08
C LEU A 560 -0.59 4.46 6.81
N SER A 561 -1.78 4.98 6.50
CA SER A 561 -2.98 4.50 7.16
C SER A 561 -3.38 3.13 6.63
N ILE A 562 -3.87 2.28 7.53
CA ILE A 562 -4.51 1.03 7.13
C ILE A 562 -6.04 1.14 7.14
N GLU A 563 -6.59 2.24 7.64
CA GLU A 563 -8.02 2.41 7.74
C GLU A 563 -8.63 2.78 6.39
N ALA A 564 -9.97 2.67 6.32
CA ALA A 564 -10.66 2.84 5.05
C ALA A 564 -10.86 4.30 4.65
N LEU A 565 -10.64 5.23 5.58
CA LEU A 565 -10.89 6.65 5.31
C LEU A 565 -9.99 7.19 4.21
N GLU A 566 -8.76 6.72 4.13
CA GLU A 566 -7.83 7.20 3.12
C GLU A 566 -7.71 6.14 2.04
N HIS A 567 -7.70 6.59 0.78
CA HIS A 567 -7.62 5.69 -0.35
C HIS A 567 -6.67 6.30 -1.38
N HIS A 568 -5.38 6.32 -1.03
CA HIS A 568 -4.38 6.93 -1.89
C HIS A 568 -4.05 6.02 -3.07
N HIS A 569 -3.88 6.64 -4.23
CA HIS A 569 -3.33 5.94 -5.39
C HIS A 569 -1.85 6.16 -5.54
N HIS A 570 -1.25 6.98 -4.69
CA HIS A 570 0.20 7.10 -4.61
C HIS A 570 0.70 6.36 -3.37
N HIS A 571 1.90 5.81 -3.44
CA HIS A 571 2.44 5.15 -2.27
C HIS A 571 3.35 6.12 -1.52
N HIS A 572 3.80 5.70 -0.35
CA HIS A 572 4.59 6.57 0.51
C HIS A 572 5.99 6.82 -0.08
N ASP B 8 -12.21 40.12 11.25
CA ASP B 8 -13.66 40.26 11.50
C ASP B 8 -14.26 41.39 10.66
N SER B 9 -13.55 42.49 10.57
CA SER B 9 -13.82 43.51 9.56
C SER B 9 -13.04 43.27 8.28
N GLY B 10 -12.01 42.41 8.33
CA GLY B 10 -11.18 42.13 7.18
C GLY B 10 -11.80 41.09 6.27
N PRO B 11 -11.24 40.97 5.08
CA PRO B 11 -11.84 40.11 4.05
C PRO B 11 -11.87 38.64 4.46
N VAL B 12 -12.96 37.96 4.09
CA VAL B 12 -13.10 36.52 4.25
C VAL B 12 -13.68 35.95 2.97
N VAL B 13 -12.99 34.97 2.40
CA VAL B 13 -13.52 34.20 1.28
C VAL B 13 -14.27 33.00 1.83
N ALA B 14 -15.58 32.93 1.54
CA ALA B 14 -16.37 31.79 2.00
C ALA B 14 -15.89 30.50 1.35
N THR B 15 -16.00 29.40 2.09
CA THR B 15 -15.77 28.08 1.52
C THR B 15 -17.12 27.47 1.13
N THR B 16 -17.11 26.21 0.70
CA THR B 16 -18.31 25.57 0.18
C THR B 16 -19.12 24.88 1.28
N LYS B 17 -20.40 24.61 0.98
CA LYS B 17 -21.25 23.90 1.92
C LYS B 17 -20.73 22.50 2.19
N LEU B 18 -20.13 21.89 1.18
CA LEU B 18 -19.52 20.56 1.33
C LEU B 18 -18.40 20.59 2.35
N VAL B 19 -17.52 21.57 2.28
CA VAL B 19 -16.45 21.67 3.28
C VAL B 19 -17.04 21.88 4.67
N THR B 20 -17.98 22.82 4.79
CA THR B 20 -18.64 23.05 6.08
C THR B 20 -19.24 21.76 6.62
N PHE B 21 -19.83 20.93 5.76
CA PHE B 21 -20.43 19.69 6.22
C PHE B 21 -19.36 18.68 6.62
N LEU B 22 -18.33 18.50 5.79
CA LEU B 22 -17.28 17.56 6.12
C LEU B 22 -16.61 17.91 7.44
N GLN B 23 -16.57 19.20 7.80
CA GLN B 23 -16.09 19.54 9.13
C GLN B 23 -16.93 18.91 10.23
N ARG B 24 -18.24 18.75 10.01
CA ARG B 24 -19.06 18.09 11.03
C ARG B 24 -18.63 16.63 11.21
N VAL B 25 -18.43 15.92 10.10
CA VAL B 25 -17.96 14.53 10.14
C VAL B 25 -16.63 14.44 10.88
N GLN B 26 -15.71 15.34 10.56
CA GLN B 26 -14.42 15.32 11.23
C GLN B 26 -14.58 15.59 12.72
N HIS B 27 -15.41 16.56 13.09
CA HIS B 27 -15.64 16.83 14.51
C HIS B 27 -16.19 15.59 15.21
N THR B 28 -17.14 14.89 14.59
CA THR B 28 -17.68 13.66 15.15
C THR B 28 -16.63 12.57 15.24
N ALA B 29 -15.82 12.43 14.19
CA ALA B 29 -14.81 11.38 14.16
C ALA B 29 -13.79 11.56 15.27
N LEU B 30 -13.35 12.79 15.49
CA LEU B 30 -12.32 12.97 16.51
C LEU B 30 -12.88 12.76 17.90
N ARG B 31 -14.19 12.94 18.08
CA ARG B 31 -14.82 12.56 19.34
C ARG B 31 -14.98 11.04 19.46
N SER B 32 -15.24 10.36 18.33
CA SER B 32 -15.50 8.92 18.36
C SER B 32 -14.23 8.12 18.65
N TYR B 33 -13.10 8.44 17.96
CA TYR B 33 -11.94 7.55 18.04
C TYR B 33 -11.20 7.73 19.36
N PRO B 34 -10.75 6.64 19.99
CA PRO B 34 -9.79 6.77 21.08
C PRO B 34 -8.51 7.42 20.60
N LYS B 35 -7.74 7.95 21.55
CA LYS B 35 -6.59 8.78 21.21
C LYS B 35 -5.55 8.03 20.37
N LYS B 36 -5.29 6.76 20.69
CA LYS B 36 -4.32 5.99 19.92
C LYS B 36 -4.78 5.70 18.49
N GLN B 37 -6.03 6.02 18.16
CA GLN B 37 -6.54 5.81 16.80
C GLN B 37 -7.08 7.11 16.19
N THR B 38 -6.65 8.26 16.70
CA THR B 38 -7.09 9.53 16.15
C THR B 38 -6.68 9.62 14.68
N PRO B 39 -7.60 9.81 13.77
CA PRO B 39 -7.25 9.89 12.34
C PRO B 39 -6.74 11.28 11.99
N ASP B 40 -6.24 11.39 10.78
CA ASP B 40 -5.81 12.67 10.24
C ASP B 40 -7.02 13.52 9.92
N PRO B 41 -7.24 14.66 10.59
CA PRO B 41 -8.47 15.42 10.36
C PRO B 41 -8.58 15.98 8.97
N LYS B 42 -7.46 16.09 8.26
CA LYS B 42 -7.52 16.60 6.89
C LYS B 42 -8.24 15.62 5.99
N SER B 43 -8.15 14.33 6.32
CA SER B 43 -8.70 13.31 5.44
C SER B 43 -10.23 13.38 5.35
N TYR B 44 -10.91 13.86 6.39
CA TYR B 44 -12.36 13.99 6.30
C TYR B 44 -12.75 15.12 5.35
N ILE B 45 -11.96 16.19 5.29
CA ILE B 45 -12.27 17.27 4.35
C ILE B 45 -11.81 16.95 2.94
N ASP B 46 -11.13 15.83 2.74
CA ASP B 46 -10.71 15.36 1.42
C ASP B 46 -11.61 14.27 0.85
N LEU B 47 -12.62 13.85 1.59
CA LEU B 47 -13.62 12.94 1.05
C LEU B 47 -14.36 13.56 -0.12
N SER B 48 -15.05 12.73 -0.89
CA SER B 48 -15.97 13.23 -1.90
C SER B 48 -17.25 12.43 -1.82
N LEU B 49 -18.31 13.00 -2.37
CA LEU B 49 -19.64 12.41 -2.27
C LEU B 49 -19.72 11.20 -3.19
N LYS B 50 -20.09 10.04 -2.65
CA LYS B 50 -20.19 8.84 -3.47
C LYS B 50 -21.47 8.85 -4.30
N ARG B 51 -21.34 8.51 -5.58
CA ARG B 51 -22.51 8.34 -6.43
C ARG B 51 -23.43 7.27 -5.82
N PRO B 52 -24.76 7.46 -5.91
CA PRO B 52 -25.42 8.61 -6.55
C PRO B 52 -25.84 9.71 -5.58
N TYR B 53 -25.30 9.66 -4.37
CA TYR B 53 -25.80 10.49 -3.29
C TYR B 53 -25.50 11.97 -3.49
N SER B 54 -26.44 12.80 -3.05
CA SER B 54 -26.28 14.25 -3.01
C SER B 54 -25.96 14.69 -1.59
N LEU B 55 -25.41 15.91 -1.47
CA LEU B 55 -25.04 16.42 -0.16
C LEU B 55 -26.24 16.44 0.78
N SER B 56 -27.41 16.84 0.26
CA SER B 56 -28.63 16.88 1.07
C SER B 56 -28.95 15.52 1.67
N THR B 57 -28.85 14.46 0.86
CA THR B 57 -29.11 13.10 1.35
C THR B 57 -28.12 12.70 2.43
N ILE B 58 -26.82 12.91 2.17
CA ILE B 58 -25.81 12.49 3.13
C ILE B 58 -25.93 13.28 4.42
N GLU B 59 -26.22 14.57 4.33
CA GLU B 59 -26.41 15.38 5.52
C GLU B 59 -27.59 14.88 6.34
N SER B 60 -28.67 14.51 5.67
CA SER B 60 -29.84 13.98 6.37
C SER B 60 -29.50 12.68 7.07
N ALA B 61 -28.83 11.76 6.36
CA ALA B 61 -28.39 10.51 6.95
C ALA B 61 -27.45 10.74 8.13
N PHE B 62 -26.53 11.70 7.98
CA PHE B 62 -25.64 12.03 9.10
C PHE B 62 -26.42 12.57 10.29
N ASP B 63 -27.46 13.38 10.04
CA ASP B 63 -28.30 13.86 11.12
C ASP B 63 -28.99 12.70 11.84
N ASP B 64 -29.49 11.71 11.08
CA ASP B 64 -30.12 10.55 11.70
C ASP B 64 -29.13 9.70 12.46
N LEU B 65 -27.95 9.52 11.89
CA LEU B 65 -26.89 8.75 12.55
C LEU B 65 -26.54 9.37 13.91
N THR B 66 -26.36 10.69 13.95
CA THR B 66 -25.86 11.34 15.14
C THR B 66 -26.95 11.51 16.21
N SER B 67 -28.20 11.72 15.80
CA SER B 67 -29.28 11.72 16.78
C SER B 67 -29.49 10.35 17.40
N GLU B 68 -29.19 9.27 16.65
CA GLU B 68 -29.37 7.91 17.16
C GLU B 68 -28.46 7.63 18.36
N SER B 69 -27.26 8.20 18.36
CA SER B 69 -26.37 8.05 19.51
C SER B 69 -26.57 9.11 20.57
N HIS B 70 -27.51 10.04 20.37
CA HIS B 70 -27.92 11.02 21.38
C HIS B 70 -26.74 11.75 22.05
N GLN B 72 -24.04 10.74 23.54
CA GLN B 72 -22.90 9.84 23.50
C GLN B 72 -22.19 9.90 22.14
N PRO B 73 -20.88 9.67 22.12
CA PRO B 73 -20.16 9.69 20.84
C PRO B 73 -20.66 8.58 19.94
N VAL B 74 -20.62 8.85 18.64
CA VAL B 74 -20.98 7.81 17.67
C VAL B 74 -19.98 6.67 17.79
N PRO B 75 -20.42 5.41 17.84
CA PRO B 75 -19.46 4.29 17.83
C PRO B 75 -18.65 4.29 16.56
N VAL B 76 -17.39 3.88 16.69
CA VAL B 76 -16.46 3.88 15.56
C VAL B 76 -17.00 3.01 14.43
N GLU B 77 -17.54 1.84 14.78
CA GLU B 77 -18.04 0.91 13.76
C GLU B 77 -19.16 1.54 12.97
N THR B 78 -20.04 2.28 13.66
CA THR B 78 -21.17 2.92 12.98
C THR B 78 -20.72 4.11 12.13
N LEU B 79 -19.75 4.88 12.61
CA LEU B 79 -19.24 5.99 11.83
C LEU B 79 -18.50 5.52 10.59
N GLU B 80 -17.74 4.43 10.70
CA GLU B 80 -17.00 3.92 9.55
C GLU B 80 -17.93 3.32 8.51
N LYS B 81 -19.00 2.68 8.97
CA LYS B 81 -20.03 2.20 8.06
C LYS B 81 -20.68 3.36 7.30
N PHE B 82 -20.93 4.46 8.01
CA PHE B 82 -21.51 5.64 7.37
C PHE B 82 -20.57 6.18 6.30
N VAL B 83 -19.28 6.31 6.64
CA VAL B 83 -18.33 6.88 5.69
C VAL B 83 -18.19 5.97 4.47
N LYS B 84 -18.20 4.65 4.70
CA LYS B 84 -18.11 3.70 3.60
C LYS B 84 -19.31 3.80 2.67
N GLU B 85 -20.50 4.01 3.24
CA GLU B 85 -21.70 4.05 2.42
C GLU B 85 -21.73 5.29 1.52
N TYR B 86 -21.38 6.47 2.06
CA TYR B 86 -21.75 7.73 1.44
C TYR B 86 -20.59 8.51 0.82
N PHE B 87 -19.33 8.14 1.09
CA PHE B 87 -18.20 8.90 0.59
C PHE B 87 -17.22 8.02 -0.15
N ASP B 88 -16.56 8.60 -1.16
CA ASP B 88 -15.30 8.07 -1.65
C ASP B 88 -14.16 8.57 -0.78
N GLY B 89 -13.16 7.73 -0.56
CA GLY B 89 -12.15 8.01 0.43
C GLY B 89 -11.20 9.13 0.03
N ALA B 90 -10.46 9.61 1.03
CA ALA B 90 -9.50 10.68 0.81
C ALA B 90 -8.42 10.23 -0.18
N GLY B 91 -8.30 10.95 -1.28
CA GLY B 91 -7.40 10.57 -2.34
C GLY B 91 -8.02 9.77 -3.46
N GLU B 92 -9.24 9.25 -3.28
CA GLU B 92 -9.77 8.35 -4.31
C GLU B 92 -10.02 9.07 -5.63
N ASP B 93 -10.35 10.36 -5.56
CA ASP B 93 -10.58 11.17 -6.74
C ASP B 93 -9.30 11.79 -7.30
N LEU B 94 -8.13 11.38 -6.81
CA LEU B 94 -6.84 11.82 -7.34
C LEU B 94 -6.16 10.58 -7.88
N LEU B 95 -6.12 10.43 -9.21
CA LEU B 95 -5.72 9.19 -9.81
C LEU B 95 -4.25 9.23 -10.16
N HIS B 96 -3.59 8.09 -10.07
CA HIS B 96 -2.22 7.96 -10.58
C HIS B 96 -2.18 8.25 -12.07
N HIS B 97 -1.12 8.93 -12.50
CA HIS B 97 -0.95 9.31 -13.88
C HIS B 97 0.48 9.07 -14.33
N GLU B 98 0.67 8.32 -15.42
CA GLU B 98 2.01 8.14 -15.97
C GLU B 98 2.41 9.40 -16.74
N PRO B 99 3.43 10.13 -16.29
CA PRO B 99 3.83 11.37 -16.97
C PRO B 99 4.33 11.06 -18.37
N VAL B 100 3.86 11.85 -19.35
CA VAL B 100 4.21 11.56 -20.73
C VAL B 100 5.70 11.74 -20.98
N ASP B 101 6.38 12.53 -20.15
CA ASP B 101 7.79 12.81 -20.38
C ASP B 101 8.69 12.05 -19.42
N PHE B 102 8.16 11.09 -18.67
CA PHE B 102 9.00 10.30 -17.78
C PHE B 102 9.71 9.18 -18.53
N VAL B 103 11.00 9.06 -18.28
CA VAL B 103 11.85 7.99 -18.79
C VAL B 103 12.62 7.42 -17.60
N SER B 104 12.64 6.10 -17.47
CA SER B 104 13.27 5.49 -16.31
C SER B 104 14.76 5.83 -16.23
N ASP B 105 15.44 5.84 -17.38
CA ASP B 105 16.89 6.04 -17.46
C ASP B 105 17.14 7.10 -18.51
N PRO B 106 16.91 8.38 -18.19
CA PRO B 106 16.98 9.42 -19.22
C PRO B 106 18.39 9.61 -19.75
N SER B 107 18.47 9.89 -21.04
CA SER B 107 19.77 10.06 -21.67
C SER B 107 20.53 11.24 -21.06
N GLY B 108 21.70 10.95 -20.49
CA GLY B 108 22.52 11.99 -19.91
C GLY B 108 22.15 12.38 -18.51
N PHE B 109 21.12 11.76 -17.94
CA PHE B 109 20.66 12.13 -16.61
C PHE B 109 21.80 12.10 -15.61
N LEU B 110 22.05 13.25 -14.99
CA LEU B 110 23.07 13.39 -13.95
C LEU B 110 24.39 12.74 -14.35
N SER B 111 24.79 12.89 -15.62
CA SER B 111 26.03 12.24 -16.04
C SER B 111 27.27 12.87 -15.44
N ASN B 112 27.15 14.04 -14.81
CA ASN B 112 28.25 14.61 -14.05
C ASN B 112 28.46 13.91 -12.72
N VAL B 113 27.53 13.09 -12.25
CA VAL B 113 27.67 12.44 -10.95
C VAL B 113 28.54 11.21 -11.16
N GLU B 114 29.78 11.28 -10.66
CA GLU B 114 30.77 10.26 -10.98
C GLU B 114 30.57 9.02 -10.13
N ASN B 115 30.21 9.21 -8.86
CA ASN B 115 29.94 8.11 -7.95
C ASN B 115 28.73 7.32 -8.43
N GLU B 116 28.93 6.04 -8.77
CA GLU B 116 27.86 5.25 -9.38
C GLU B 116 26.75 4.95 -8.39
N GLU B 117 27.13 4.66 -7.13
CA GLU B 117 26.12 4.43 -6.10
C GLU B 117 25.21 5.65 -5.92
N VAL B 118 25.80 6.86 -5.88
CA VAL B 118 25.02 8.08 -5.69
C VAL B 118 24.17 8.37 -6.93
N ARG B 119 24.75 8.19 -8.12
CA ARG B 119 23.98 8.40 -9.33
C ARG B 119 22.81 7.45 -9.43
N GLU B 120 23.03 6.16 -9.08
CA GLU B 120 21.95 5.19 -9.15
C GLU B 120 20.89 5.48 -8.10
N TRP B 121 21.28 6.02 -6.94
CA TRP B 121 20.30 6.45 -5.96
C TRP B 121 19.49 7.61 -6.49
N ALA B 122 20.16 8.58 -7.10
CA ALA B 122 19.47 9.71 -7.72
C ALA B 122 18.53 9.26 -8.81
N ARG B 123 18.87 8.19 -9.54
CA ARG B 123 17.93 7.66 -10.52
C ARG B 123 16.70 7.02 -9.87
N GLU B 124 16.86 6.42 -8.68
CA GLU B 124 15.68 5.98 -7.95
C GLU B 124 14.83 7.18 -7.51
N VAL B 125 15.48 8.21 -6.97
CA VAL B 125 14.78 9.44 -6.59
C VAL B 125 14.01 10.01 -7.77
N HIS B 126 14.69 10.10 -8.92
CA HIS B 126 14.03 10.50 -10.16
C HIS B 126 12.79 9.65 -10.43
N GLY B 127 12.86 8.35 -10.15
CA GLY B 127 11.75 7.46 -10.45
C GLY B 127 10.53 7.69 -9.59
N LEU B 128 10.70 8.40 -8.47
CA LEU B 128 9.55 8.72 -7.62
C LEU B 128 8.66 9.81 -8.23
N TRP B 129 9.12 10.53 -9.27
CA TRP B 129 8.19 11.43 -9.94
C TRP B 129 6.95 10.67 -10.40
N ARG B 130 7.11 9.40 -10.77
CA ARG B 130 5.96 8.59 -11.18
C ARG B 130 4.97 8.42 -10.02
N ASN B 131 5.49 8.28 -8.79
CA ASN B 131 4.60 8.14 -7.65
C ASN B 131 3.81 9.43 -7.39
N LEU B 132 4.48 10.58 -7.44
CA LEU B 132 3.89 11.87 -7.14
C LEU B 132 3.06 12.42 -8.29
N SER B 133 3.00 11.73 -9.41
CA SER B 133 2.29 12.22 -10.58
C SER B 133 0.86 11.71 -10.53
N CYS B 134 -0.09 12.62 -10.68
CA CYS B 134 -1.50 12.26 -10.59
C CYS B 134 -2.29 13.16 -11.51
N ARG B 135 -3.58 12.85 -11.63
CA ARG B 135 -4.51 13.70 -12.35
C ARG B 135 -5.84 13.65 -11.61
N VAL B 136 -6.58 14.76 -11.63
CA VAL B 136 -7.88 14.74 -11.00
C VAL B 136 -8.79 13.83 -11.80
N SER B 137 -9.68 13.12 -11.11
CA SER B 137 -10.58 12.20 -11.80
C SER B 137 -11.58 12.99 -12.64
N ASP B 138 -12.23 12.29 -13.56
CA ASP B 138 -13.16 12.98 -14.45
C ASP B 138 -14.34 13.55 -13.68
N SER B 139 -14.72 12.92 -12.58
CA SER B 139 -15.84 13.40 -11.79
C SER B 139 -15.54 14.76 -11.18
N VAL B 140 -14.28 15.00 -10.78
CA VAL B 140 -13.89 16.32 -10.28
C VAL B 140 -14.13 17.38 -11.36
N ARG B 141 -13.78 17.06 -12.60
CA ARG B 141 -13.95 18.02 -13.69
C ARG B 141 -15.41 18.19 -14.08
N GLU B 142 -16.21 17.13 -13.97
CA GLU B 142 -17.59 17.14 -14.46
C GLU B 142 -18.62 17.43 -13.38
N SER B 143 -18.31 17.13 -12.12
CA SER B 143 -19.23 17.35 -11.01
C SER B 143 -18.42 17.91 -9.84
N ALA B 144 -17.82 19.08 -10.08
CA ALA B 144 -16.88 19.66 -9.12
C ALA B 144 -17.51 19.88 -7.76
N ASP B 145 -18.83 20.07 -7.70
CA ASP B 145 -19.51 20.31 -6.43
C ASP B 145 -19.46 19.12 -5.50
N ARG B 146 -19.14 17.93 -6.02
CA ARG B 146 -19.08 16.72 -5.21
C ARG B 146 -17.71 16.51 -4.57
N HIS B 147 -16.74 17.34 -4.88
CA HIS B 147 -15.38 17.16 -4.40
C HIS B 147 -14.90 18.44 -3.73
N THR B 148 -14.01 18.29 -2.76
CA THR B 148 -13.22 19.44 -2.33
C THR B 148 -11.94 19.58 -3.15
N LEU B 149 -11.51 18.51 -3.82
CA LEU B 149 -10.43 18.60 -4.79
C LEU B 149 -10.88 19.46 -5.97
N LEU B 150 -9.97 20.47 -6.40
CA LEU B 150 -10.54 21.34 -7.42
C LEU B 150 -10.16 20.86 -8.82
N PRO B 151 -10.98 21.14 -9.84
CA PRO B 151 -10.62 20.70 -11.19
C PRO B 151 -9.43 21.47 -11.71
N LEU B 152 -8.57 20.77 -12.44
CA LEU B 152 -7.36 21.36 -12.99
C LEU B 152 -7.22 20.92 -14.44
N PRO B 153 -6.62 21.74 -15.29
CA PRO B 153 -6.50 21.37 -16.71
C PRO B 153 -5.44 20.32 -17.02
N GLU B 154 -4.41 20.19 -16.18
CA GLU B 154 -3.28 19.33 -16.50
C GLU B 154 -2.96 18.41 -15.33
N PRO B 155 -2.32 17.27 -15.62
CA PRO B 155 -1.82 16.43 -14.52
C PRO B 155 -0.85 17.21 -13.65
N VAL B 156 -0.67 16.69 -12.44
CA VAL B 156 -0.03 17.44 -11.37
C VAL B 156 1.13 16.61 -10.81
N ILE B 157 1.95 17.27 -10.00
CA ILE B 157 2.87 16.61 -9.08
C ILE B 157 2.48 17.08 -7.69
N ILE B 158 2.21 16.13 -6.80
CA ILE B 158 1.81 16.50 -5.44
C ILE B 158 3.02 16.39 -4.52
N PRO B 159 3.02 17.03 -3.35
CA PRO B 159 4.14 16.82 -2.43
C PRO B 159 4.23 15.37 -1.97
N GLY B 160 3.10 14.72 -1.75
CA GLY B 160 3.07 13.32 -1.36
C GLY B 160 2.30 13.10 -0.07
N SER B 161 2.03 11.82 0.19
CA SER B 161 1.43 11.31 1.44
C SER B 161 0.08 12.01 1.64
N ARG B 162 -0.13 12.77 2.74
CA ARG B 162 -1.41 13.42 3.03
C ARG B 162 -1.67 14.65 2.16
N PHE B 163 -0.67 15.13 1.43
CA PHE B 163 -0.86 16.31 0.59
C PHE B 163 -1.35 15.82 -0.77
N ARG B 164 -2.65 15.50 -0.80
CA ARG B 164 -3.40 14.89 -1.90
C ARG B 164 -3.87 15.91 -2.91
N GLU B 165 -3.01 16.88 -3.25
CA GLU B 165 -3.37 17.98 -4.13
C GLU B 165 -2.07 18.71 -4.48
N VAL B 166 -2.13 19.55 -5.51
CA VAL B 166 -1.01 20.45 -5.80
C VAL B 166 -0.94 21.57 -4.77
N TYR B 167 0.28 21.96 -4.43
CA TYR B 167 0.55 23.11 -3.60
C TYR B 167 1.28 24.16 -4.42
N TYR B 168 1.20 25.40 -3.95
CA TYR B 168 1.78 26.51 -4.70
C TYR B 168 3.31 26.52 -4.60
N TRP B 169 3.90 26.93 -3.48
CA TRP B 169 5.33 27.16 -3.57
C TRP B 169 6.13 25.87 -3.65
N ASP B 170 5.61 24.72 -3.18
CA ASP B 170 6.32 23.44 -3.38
C ASP B 170 6.65 23.22 -4.86
N SER B 171 5.80 23.72 -5.76
CA SER B 171 5.95 23.45 -7.18
C SER B 171 7.22 24.05 -7.76
N TYR B 172 7.79 25.08 -7.13
CA TYR B 172 9.01 25.65 -7.68
C TYR B 172 10.16 24.65 -7.57
N TRP B 173 10.40 24.14 -6.37
CA TRP B 173 11.50 23.20 -6.19
C TRP B 173 11.20 21.86 -6.85
N VAL B 174 9.93 21.46 -6.93
CA VAL B 174 9.56 20.34 -7.80
C VAL B 174 10.03 20.61 -9.22
N ILE B 175 9.73 21.80 -9.75
CA ILE B 175 10.10 22.12 -11.13
C ILE B 175 11.62 22.12 -11.31
N LYS B 176 12.36 22.66 -10.35
CA LYS B 176 13.81 22.57 -10.47
C LYS B 176 14.25 21.13 -10.66
N GLY B 177 13.65 20.21 -9.90
CA GLY B 177 13.98 18.79 -10.03
C GLY B 177 13.45 18.16 -11.30
N LEU B 178 12.23 18.53 -11.71
CA LEU B 178 11.75 17.96 -12.97
C LEU B 178 12.62 18.38 -14.15
N MET B 179 13.31 19.50 -14.03
CA MET B 179 14.14 19.92 -15.15
C MET B 179 15.40 19.08 -15.24
N THR B 180 16.04 18.79 -14.10
CA THR B 180 17.10 17.78 -14.03
C THR B 180 16.64 16.45 -14.63
N SER B 181 15.41 16.03 -14.30
CA SER B 181 14.79 14.80 -14.76
C SER B 181 14.36 14.85 -16.23
N GLN B 182 14.51 15.99 -16.90
CA GLN B 182 14.16 16.14 -18.32
C GLN B 182 12.65 16.03 -18.53
N MET B 183 11.87 16.53 -17.57
CA MET B 183 10.42 16.44 -17.64
C MET B 183 9.81 17.83 -17.78
N PHE B 184 10.08 18.46 -18.93
CA PHE B 184 9.65 19.82 -19.16
C PHE B 184 8.16 19.93 -19.47
N THR B 185 7.53 18.86 -19.93
CA THR B 185 6.09 18.89 -20.15
C THR B 185 5.33 18.83 -18.82
N THR B 186 5.81 17.99 -17.89
CA THR B 186 5.21 17.95 -16.56
C THR B 186 5.46 19.24 -15.81
N ALA B 187 6.66 19.81 -15.96
CA ALA B 187 6.96 21.09 -15.34
C ALA B 187 6.04 22.18 -15.86
N LYS B 188 5.84 22.25 -17.18
CA LYS B 188 4.91 23.24 -17.72
C LYS B 188 3.49 22.96 -17.24
N GLY B 189 3.14 21.69 -17.07
CA GLY B 189 1.81 21.33 -16.61
C GLY B 189 1.50 21.89 -15.24
N LEU B 190 2.50 21.88 -14.35
CA LEU B 190 2.34 22.52 -13.05
C LEU B 190 2.06 24.00 -13.20
N VAL B 191 2.80 24.67 -14.09
CA VAL B 191 2.63 26.11 -14.25
C VAL B 191 1.26 26.43 -14.85
N THR B 192 0.85 25.65 -15.85
CA THR B 192 -0.50 25.81 -16.41
C THR B 192 -1.56 25.67 -15.34
N ASN B 193 -1.39 24.71 -14.43
CA ASN B 193 -2.38 24.50 -13.38
C ASN B 193 -2.45 25.68 -12.42
N LEU B 194 -1.29 26.19 -12.03
CA LEU B 194 -1.27 27.34 -11.14
C LEU B 194 -1.78 28.58 -11.86
N MET B 195 -1.46 28.73 -13.14
CA MET B 195 -1.99 29.86 -13.89
C MET B 195 -3.52 29.80 -13.96
N SER B 196 -4.09 28.59 -14.05
CA SER B 196 -5.54 28.49 -14.09
C SER B 196 -6.16 28.91 -12.77
N LEU B 197 -5.46 28.66 -11.66
CA LEU B 197 -5.92 29.15 -10.36
C LEU B 197 -5.89 30.67 -10.31
N VAL B 198 -4.83 31.29 -10.85
CA VAL B 198 -4.78 32.75 -10.87
C VAL B 198 -5.91 33.32 -11.71
N GLU B 199 -6.16 32.70 -12.87
CA GLU B 199 -7.25 33.13 -13.73
C GLU B 199 -8.59 33.08 -12.99
N THR B 200 -8.81 32.03 -12.22
CA THR B 200 -10.11 31.84 -11.58
C THR B 200 -10.26 32.77 -10.38
N TYR B 201 -9.24 32.83 -9.51
CA TYR B 201 -9.36 33.49 -8.22
C TYR B 201 -8.64 34.84 -8.13
N GLY B 202 -7.73 35.15 -9.04
CA GLY B 202 -6.92 36.36 -8.94
C GLY B 202 -5.61 36.17 -8.19
N TYR B 203 -5.31 34.95 -7.76
CA TYR B 203 -4.09 34.61 -7.06
C TYR B 203 -3.99 33.09 -7.08
N ALA B 204 -2.77 32.58 -6.97
CA ALA B 204 -2.56 31.14 -6.88
C ALA B 204 -2.87 30.66 -5.46
N LEU B 205 -3.71 29.64 -5.36
CA LEU B 205 -4.16 29.15 -4.07
C LEU B 205 -3.05 28.42 -3.33
N ASN B 206 -3.10 28.48 -2.00
CA ASN B 206 -2.26 27.63 -1.16
C ASN B 206 -2.13 26.23 -1.75
N GLY B 207 -3.27 25.65 -2.14
CA GLY B 207 -3.27 24.40 -2.86
C GLY B 207 -4.62 24.20 -3.52
N ALA B 208 -4.70 23.16 -4.35
CA ALA B 208 -5.86 23.00 -5.23
C ALA B 208 -7.01 22.29 -4.53
N ARG B 209 -7.42 22.85 -3.39
CA ARG B 209 -8.53 22.33 -2.59
C ARG B 209 -9.50 23.45 -2.26
N ALA B 210 -10.78 23.07 -2.14
CA ALA B 210 -11.83 24.04 -1.81
C ALA B 210 -11.54 24.80 -0.53
N TYR B 211 -10.92 24.16 0.46
CA TYR B 211 -10.64 24.88 1.70
C TYR B 211 -9.41 25.77 1.63
N TYR B 212 -8.79 25.93 0.45
CA TYR B 212 -7.67 26.86 0.30
C TYR B 212 -8.04 28.07 -0.55
N THR B 213 -9.31 28.22 -0.96
CA THR B 213 -9.65 29.39 -1.78
C THR B 213 -9.44 30.72 -1.07
N ASN B 214 -9.31 30.74 0.25
CA ASN B 214 -9.19 31.96 1.05
C ASN B 214 -7.76 32.51 1.18
N ARG B 215 -6.77 31.87 0.57
CA ARG B 215 -5.38 32.32 0.80
C ARG B 215 -4.49 31.82 -0.32
N SER B 216 -3.30 32.44 -0.41
CA SER B 216 -2.32 32.07 -1.43
C SER B 216 -1.15 31.35 -0.80
N GLN B 217 0.07 31.62 -1.27
CA GLN B 217 1.27 31.03 -0.69
C GLN B 217 2.47 31.80 -1.21
N PRO B 218 3.71 31.49 -0.80
CA PRO B 218 4.85 32.27 -1.28
C PRO B 218 4.86 32.35 -2.79
N PRO B 219 4.91 33.57 -3.39
CA PRO B 219 4.61 33.73 -4.83
C PRO B 219 5.78 33.37 -5.75
N LEU B 220 5.91 32.07 -6.01
CA LEU B 220 6.97 31.49 -6.81
C LEU B 220 6.58 31.25 -8.27
N LEU B 221 5.35 31.60 -8.67
CA LEU B 221 4.93 31.33 -10.04
C LEU B 221 5.81 32.03 -11.07
N SER B 222 6.23 33.26 -10.80
CA SER B 222 7.05 33.96 -11.79
C SER B 222 8.39 33.26 -11.96
N SER B 223 8.90 32.64 -10.89
CA SER B 223 10.17 31.93 -10.96
C SER B 223 10.03 30.60 -11.69
N MET B 224 8.90 29.91 -11.51
CA MET B 224 8.62 28.69 -12.26
C MET B 224 8.58 28.99 -13.76
N VAL B 225 7.83 30.03 -14.14
CA VAL B 225 7.79 30.44 -15.54
C VAL B 225 9.19 30.74 -16.04
N TYR B 226 9.95 31.51 -15.27
CA TYR B 226 11.26 31.95 -15.72
C TYR B 226 12.22 30.77 -15.91
N GLU B 227 12.24 29.84 -14.96
CA GLU B 227 13.17 28.71 -15.07
C GLU B 227 12.82 27.80 -16.24
N ILE B 228 11.52 27.57 -16.49
CA ILE B 228 11.15 26.76 -17.64
C ILE B 228 11.53 27.48 -18.93
N TYR B 229 11.10 28.76 -19.07
CA TYR B 229 11.39 29.51 -20.28
C TYR B 229 12.89 29.59 -20.55
N ASN B 230 13.69 29.73 -19.50
CA ASN B 230 15.15 29.80 -19.67
C ASN B 230 15.69 28.63 -20.46
N VAL B 231 15.03 27.47 -20.39
CA VAL B 231 15.46 26.26 -21.10
C VAL B 231 14.67 26.04 -22.39
N THR B 232 13.37 26.23 -22.36
CA THR B 232 12.57 25.89 -23.53
C THR B 232 12.31 27.07 -24.45
N LYS B 233 12.53 28.32 -23.99
CA LYS B 233 12.25 29.52 -24.78
C LYS B 233 10.83 29.51 -25.34
N ASP B 234 9.89 29.04 -24.51
CA ASP B 234 8.47 28.99 -24.82
C ASP B 234 7.89 30.40 -24.83
N GLU B 235 7.89 31.05 -26.00
CA GLU B 235 7.35 32.41 -26.09
C GLU B 235 5.86 32.45 -25.76
N GLU B 236 5.12 31.40 -26.13
CA GLU B 236 3.69 31.39 -25.85
C GLU B 236 3.41 31.22 -24.36
N LEU B 237 4.29 30.53 -23.64
CA LEU B 237 4.13 30.44 -22.20
C LEU B 237 4.31 31.81 -21.54
N VAL B 238 5.30 32.59 -22.00
CA VAL B 238 5.49 33.93 -21.47
C VAL B 238 4.31 34.84 -21.82
N ARG B 239 3.79 34.70 -23.05
CA ARG B 239 2.62 35.48 -23.44
C ARG B 239 1.43 35.19 -22.53
N LYS B 240 1.23 33.92 -22.18
CA LYS B 240 0.12 33.58 -21.30
C LYS B 240 0.36 34.07 -19.89
N ALA B 241 1.61 34.05 -19.42
CA ALA B 241 1.90 34.25 -18.02
C ALA B 241 1.93 35.73 -17.62
N ILE B 242 2.41 36.61 -18.49
CA ILE B 242 2.52 38.04 -18.13
C ILE B 242 1.21 38.59 -17.58
N PRO B 243 0.04 38.42 -18.22
CA PRO B 243 -1.18 39.01 -17.65
C PRO B 243 -1.54 38.46 -16.28
N LEU B 244 -1.35 37.16 -16.07
CA LEU B 244 -1.68 36.54 -14.80
C LEU B 244 -0.67 36.88 -13.73
N LEU B 245 0.61 37.01 -14.09
CA LEU B 245 1.63 37.46 -13.15
C LEU B 245 1.40 38.90 -12.74
N LEU B 246 0.92 39.74 -13.67
CA LEU B 246 0.53 41.09 -13.32
C LEU B 246 -0.65 41.09 -12.35
N LYS B 247 -1.63 40.21 -12.58
CA LYS B 247 -2.75 40.08 -11.65
C LYS B 247 -2.27 39.65 -10.26
N GLU B 248 -1.38 38.65 -10.21
CA GLU B 248 -0.86 38.18 -8.93
C GLU B 248 -0.04 39.25 -8.24
N TYR B 249 0.81 39.94 -9.00
CA TYR B 249 1.59 41.04 -8.43
C TYR B 249 0.69 42.11 -7.84
N GLU B 250 -0.41 42.44 -8.52
CA GLU B 250 -1.35 43.40 -7.97
C GLU B 250 -1.98 42.88 -6.69
N PHE B 251 -2.27 41.57 -6.64
CA PHE B 251 -2.83 40.97 -5.42
C PHE B 251 -1.93 41.21 -4.21
N TRP B 252 -0.62 41.00 -4.39
CA TRP B 252 0.33 41.15 -3.29
C TRP B 252 0.62 42.60 -2.95
N ASN B 253 0.39 43.54 -3.87
CA ASN B 253 0.74 44.94 -3.64
C ASN B 253 -0.49 45.84 -3.49
N SER B 254 -1.58 45.31 -2.95
CA SER B 254 -2.78 46.09 -2.70
C SER B 254 -3.51 45.52 -1.50
N GLY B 255 -4.55 46.22 -1.07
CA GLY B 255 -5.37 45.76 0.03
C GLY B 255 -4.58 45.43 1.29
N LYS B 256 -4.99 44.33 1.94
CA LYS B 256 -4.41 43.95 3.21
C LYS B 256 -3.01 43.37 3.06
N HIS B 257 -2.64 42.95 1.85
CA HIS B 257 -1.29 42.45 1.66
C HIS B 257 -0.26 43.57 1.62
N LYS B 258 -0.65 44.78 1.20
CA LYS B 258 0.30 45.87 1.06
C LYS B 258 0.49 46.58 2.38
N VAL B 259 1.75 46.81 2.77
CA VAL B 259 2.06 47.62 3.93
C VAL B 259 3.05 48.70 3.51
N VAL B 260 3.10 49.78 4.27
CA VAL B 260 4.01 50.88 3.97
C VAL B 260 4.78 51.24 5.22
N ILE B 261 6.10 51.31 5.08
CA ILE B 261 7.01 51.58 6.19
C ILE B 261 7.85 52.81 5.84
N ARG B 262 7.80 53.82 6.70
CA ARG B 262 8.49 55.08 6.46
C ARG B 262 9.84 55.04 7.18
N ASP B 263 10.89 55.50 6.50
CA ASP B 263 12.22 55.54 7.12
C ASP B 263 12.50 56.92 7.71
N ALA B 264 13.66 57.03 8.37
CA ALA B 264 13.99 58.26 9.09
C ALA B 264 14.20 59.46 8.17
N ASN B 265 14.41 59.21 6.88
CA ASN B 265 14.45 60.30 5.90
C ASN B 265 13.05 60.69 5.42
N GLY B 266 12.00 60.00 5.87
CA GLY B 266 10.64 60.32 5.48
C GLY B 266 10.15 59.61 4.23
N TYR B 267 10.94 58.70 3.66
CA TYR B 267 10.56 57.97 2.46
C TYR B 267 9.74 56.72 2.79
N ASP B 268 8.66 56.53 2.04
CA ASP B 268 7.75 55.42 2.24
C ASP B 268 8.17 54.22 1.39
N HIS B 269 8.36 53.08 2.03
CA HIS B 269 8.72 51.84 1.36
C HIS B 269 7.51 50.91 1.28
N VAL B 270 7.26 50.37 0.10
CA VAL B 270 6.11 49.49 -0.12
C VAL B 270 6.58 48.04 -0.07
N LEU B 271 5.99 47.29 0.87
CA LEU B 271 6.31 45.90 1.11
C LEU B 271 5.00 45.13 1.24
N SER B 272 5.10 43.82 1.41
CA SER B 272 3.93 42.96 1.53
C SER B 272 4.04 42.08 2.76
N ARG B 273 2.87 41.72 3.29
CA ARG B 273 2.77 40.75 4.37
C ARG B 273 1.85 39.63 3.92
N TYR B 274 1.92 38.50 4.61
CA TYR B 274 0.90 37.49 4.39
C TYR B 274 -0.39 37.94 5.05
N TYR B 275 -1.51 37.50 4.52
CA TYR B 275 -2.80 37.90 5.07
C TYR B 275 -3.85 36.99 4.46
N ALA B 276 -4.21 35.94 5.20
CA ALA B 276 -5.23 35.02 4.73
C ALA B 276 -6.59 35.68 4.85
N MET B 277 -7.45 35.39 3.88
CA MET B 277 -8.81 35.92 3.90
C MET B 277 -9.73 34.91 4.56
N TRP B 278 -9.34 34.57 5.79
CA TRP B 278 -10.02 33.55 6.58
C TRP B 278 -10.04 33.98 8.03
N ASN B 279 -11.17 33.69 8.68
CA ASN B 279 -11.58 34.20 9.98
C ASN B 279 -11.72 33.10 11.01
N LYS B 280 -11.70 31.85 10.59
CA LYS B 280 -12.25 30.72 11.32
C LYS B 280 -11.17 29.67 11.54
N PRO B 281 -11.46 28.60 12.27
CA PRO B 281 -10.62 27.41 12.19
C PRO B 281 -10.41 27.00 10.74
N ARG B 282 -9.19 26.56 10.42
CA ARG B 282 -8.95 25.97 9.12
C ARG B 282 -9.76 24.69 9.03
N PRO B 283 -10.62 24.54 8.01
CA PRO B 283 -11.40 23.29 7.90
C PRO B 283 -10.57 22.02 8.08
N GLU B 284 -9.41 21.96 7.42
CA GLU B 284 -8.56 20.78 7.46
C GLU B 284 -8.01 20.48 8.84
N SER B 285 -7.91 21.47 9.72
CA SER B 285 -7.46 21.27 11.09
C SER B 285 -8.49 21.82 12.06
N SER B 286 -9.76 21.65 11.71
CA SER B 286 -10.84 22.38 12.35
C SER B 286 -10.91 22.10 13.85
N VAL B 287 -10.70 20.84 14.26
CA VAL B 287 -10.87 20.48 15.68
C VAL B 287 -9.76 21.10 16.51
N PHE B 288 -8.52 21.03 16.03
CA PHE B 288 -7.38 21.58 16.77
C PHE B 288 -7.46 23.10 16.85
N ASP B 289 -7.77 23.74 15.72
CA ASP B 289 -7.87 25.19 15.69
C ASP B 289 -8.92 25.70 16.65
N GLU B 290 -10.06 25.00 16.72
CA GLU B 290 -11.08 25.37 17.70
C GLU B 290 -10.53 25.27 19.11
N GLU B 291 -9.88 24.15 19.44
CA GLU B 291 -9.37 23.95 20.79
C GLU B 291 -8.26 24.94 21.11
N SER B 292 -7.40 25.24 20.12
CA SER B 292 -6.31 26.18 20.36
C SER B 292 -6.81 27.60 20.65
N ALA B 293 -8.01 27.93 20.19
CA ALA B 293 -8.58 29.25 20.41
C ALA B 293 -9.55 29.28 21.59
N SER B 294 -9.66 28.19 22.32
CA SER B 294 -10.68 28.05 23.35
C SER B 294 -10.41 28.92 24.57
N GLY B 295 -9.14 29.23 24.83
CA GLY B 295 -8.78 30.07 25.97
C GLY B 295 -9.05 31.54 25.78
N PHE B 296 -9.34 31.96 24.56
CA PHE B 296 -9.61 33.37 24.29
C PHE B 296 -10.97 33.77 24.82
N SER B 297 -11.04 34.96 25.41
CA SER B 297 -12.29 35.43 26.01
C SER B 297 -13.34 35.73 24.95
N THR B 298 -13.03 36.65 24.04
CA THR B 298 -14.02 37.15 23.09
C THR B 298 -13.88 36.47 21.73
N MET B 299 -14.98 36.51 20.97
CA MET B 299 -14.96 36.01 19.59
C MET B 299 -14.11 36.88 18.68
N LEU B 300 -13.95 38.16 19.00
CA LEU B 300 -13.08 39.03 18.23
C LEU B 300 -11.62 38.64 18.41
N GLU B 301 -11.24 38.18 19.60
CA GLU B 301 -9.91 37.64 19.79
C GLU B 301 -9.74 36.35 19.01
N LYS B 302 -10.75 35.47 19.07
CA LYS B 302 -10.66 34.20 18.35
C LYS B 302 -10.53 34.42 16.86
N GLN B 303 -11.29 35.35 16.30
CA GLN B 303 -11.23 35.63 14.87
C GLN B 303 -9.88 36.18 14.47
N ARG B 304 -9.28 37.06 15.28
CA ARG B 304 -7.98 37.60 14.93
C ARG B 304 -6.92 36.51 15.04
N PHE B 305 -7.03 35.63 16.03
CA PHE B 305 -6.10 34.51 16.17
C PHE B 305 -6.24 33.54 15.00
N HIS B 306 -7.47 33.13 14.68
CA HIS B 306 -7.70 32.26 13.54
C HIS B 306 -7.12 32.86 12.26
N ARG B 307 -7.27 34.17 12.06
CA ARG B 307 -6.70 34.79 10.88
C ARG B 307 -5.17 34.70 10.91
N ASP B 308 -4.57 34.86 12.08
CA ASP B 308 -3.12 34.75 12.14
C ASP B 308 -2.67 33.33 11.88
N ILE B 309 -3.48 32.34 12.29
CA ILE B 309 -3.13 30.93 12.10
C ILE B 309 -3.23 30.55 10.62
N ALA B 310 -4.33 30.94 9.96
CA ALA B 310 -4.43 30.74 8.52
C ALA B 310 -3.41 31.60 7.75
N THR B 311 -2.99 32.73 8.31
CA THR B 311 -1.94 33.51 7.66
C THR B 311 -0.58 32.84 7.82
N ALA B 312 -0.32 32.19 8.96
CA ALA B 312 0.87 31.33 9.06
C ALA B 312 0.85 30.24 8.01
N ALA B 313 -0.33 29.67 7.73
CA ALA B 313 -0.43 28.69 6.66
C ALA B 313 -0.09 29.30 5.32
N GLU B 314 -0.59 30.51 5.04
CA GLU B 314 -0.28 31.16 3.78
C GLU B 314 1.22 31.39 3.62
N SER B 315 1.95 31.58 4.73
CA SER B 315 3.38 31.80 4.66
C SER B 315 4.15 30.60 4.14
N GLY B 316 3.50 29.43 4.03
CA GLY B 316 4.20 28.21 3.68
C GLY B 316 4.95 27.57 4.83
N CYS B 317 4.99 28.20 6.01
CA CYS B 317 5.76 27.68 7.12
C CYS B 317 4.89 27.65 8.38
N ALA B 318 3.84 26.85 8.35
CA ALA B 318 2.98 26.63 9.50
C ALA B 318 3.52 25.41 10.24
N PHE B 319 4.06 25.59 11.45
CA PHE B 319 4.09 26.82 12.23
C PHE B 319 5.48 27.03 12.80
N SER B 320 5.76 28.24 13.30
CA SER B 320 7.11 28.56 13.72
C SER B 320 7.08 29.63 14.80
N THR B 321 8.10 29.61 15.68
CA THR B 321 8.37 30.74 16.56
C THR B 321 8.50 32.06 15.79
N ARG B 322 8.86 31.98 14.52
CA ARG B 322 8.99 33.15 13.68
C ARG B 322 7.72 33.97 13.66
N TRP B 323 6.55 33.33 13.80
CA TRP B 323 5.28 34.03 13.73
C TRP B 323 4.67 34.31 15.10
N MET B 324 5.35 33.94 16.17
CA MET B 324 4.80 34.06 17.51
C MET B 324 5.27 35.35 18.17
N ARG B 325 4.31 36.12 18.68
CA ARG B 325 4.65 37.32 19.44
C ARG B 325 5.45 36.97 20.68
N ASP B 326 5.12 35.87 21.35
CA ASP B 326 5.81 35.42 22.56
C ASP B 326 6.19 33.94 22.41
N PRO B 327 7.24 33.65 21.62
CA PRO B 327 7.64 32.25 21.47
C PRO B 327 8.04 31.64 22.79
N PRO B 328 7.81 30.34 22.97
CA PRO B 328 7.14 29.41 22.05
C PRO B 328 5.62 29.26 22.22
N ASN B 329 4.95 30.26 22.80
CA ASN B 329 3.52 30.16 23.08
C ASN B 329 2.72 30.15 21.76
N PHE B 330 2.19 28.98 21.39
CA PHE B 330 1.50 28.84 20.11
C PHE B 330 0.30 29.77 20.00
N THR B 331 -0.34 30.10 21.13
CA THR B 331 -1.50 30.96 21.06
C THR B 331 -1.16 32.42 20.77
N THR B 332 0.13 32.78 20.75
CA THR B 332 0.52 34.15 20.42
C THR B 332 0.91 34.30 18.95
N MET B 333 0.44 33.41 18.09
CA MET B 333 0.62 33.57 16.66
C MET B 333 0.13 34.94 16.23
N ALA B 334 0.94 35.63 15.44
CA ALA B 334 0.61 37.01 15.10
C ALA B 334 1.03 37.33 13.68
N THR B 335 0.76 36.40 12.75
CA THR B 335 1.40 36.44 11.43
C THR B 335 1.05 37.71 10.65
N THR B 336 -0.17 38.24 10.83
CA THR B 336 -0.56 39.44 10.10
C THR B 336 0.21 40.70 10.53
N SER B 337 0.97 40.64 11.62
CA SER B 337 1.80 41.75 12.05
C SER B 337 3.22 41.69 11.51
N VAL B 338 3.56 40.70 10.69
CA VAL B 338 4.95 40.48 10.30
C VAL B 338 5.14 40.88 8.84
N VAL B 339 6.15 41.71 8.59
CA VAL B 339 6.57 42.00 7.22
C VAL B 339 7.75 41.09 6.95
N PRO B 340 7.58 40.01 6.19
CA PRO B 340 8.59 38.94 6.20
C PRO B 340 9.67 39.14 5.14
N VAL B 341 10.86 38.68 5.51
CA VAL B 341 12.02 38.81 4.63
C VAL B 341 11.77 38.03 3.33
N ASP B 342 11.38 36.76 3.46
CA ASP B 342 11.34 35.86 2.30
C ASP B 342 10.20 36.18 1.35
N LEU B 343 9.02 36.46 1.89
CA LEU B 343 7.91 36.92 1.04
C LEU B 343 8.36 38.07 0.16
N ASN B 344 9.01 39.08 0.76
CA ASN B 344 9.42 40.25 0.00
C ASN B 344 10.62 39.99 -0.89
N VAL B 345 11.39 38.94 -0.59
CA VAL B 345 12.37 38.43 -1.54
C VAL B 345 11.69 37.89 -2.79
N PHE B 346 10.66 37.08 -2.59
CA PHE B 346 9.93 36.50 -3.72
C PHE B 346 9.28 37.58 -4.59
N LEU B 347 8.89 38.68 -3.98
CA LEU B 347 8.26 39.78 -4.71
C LEU B 347 9.29 40.61 -5.45
N LEU B 348 10.49 40.77 -4.86
CA LEU B 348 11.60 41.33 -5.62
C LEU B 348 11.88 40.47 -6.84
N LYS B 349 11.86 39.14 -6.65
CA LYS B 349 12.03 38.20 -7.76
C LYS B 349 10.92 38.31 -8.80
N MET B 350 9.66 38.45 -8.35
CA MET B 350 8.59 38.72 -9.30
C MET B 350 8.90 39.94 -10.15
N GLU B 351 9.41 41.02 -9.53
CA GLU B 351 9.68 42.25 -10.26
C GLU B 351 10.82 42.07 -11.24
N LEU B 352 11.83 41.27 -10.87
CA LEU B 352 12.91 40.94 -11.79
C LEU B 352 12.43 40.01 -12.90
N ASP B 353 11.60 39.04 -12.55
CA ASP B 353 11.06 38.08 -13.52
C ASP B 353 10.17 38.79 -14.54
N ILE B 354 9.27 39.63 -14.06
CA ILE B 354 8.32 40.29 -14.95
C ILE B 354 9.03 41.27 -15.85
N ALA B 355 9.97 42.05 -15.31
CA ALA B 355 10.82 42.88 -16.16
C ALA B 355 11.46 42.07 -17.28
N PHE B 356 11.99 40.89 -16.95
CA PHE B 356 12.62 40.04 -17.95
C PHE B 356 11.62 39.54 -18.98
N MET B 357 10.43 39.11 -18.52
CA MET B 357 9.46 38.56 -19.47
C MET B 357 8.92 39.64 -20.41
N MET B 358 8.87 40.88 -19.93
CA MET B 358 8.38 41.96 -20.79
C MET B 358 9.43 42.41 -21.77
N LYS B 359 10.71 42.32 -21.38
CA LYS B 359 11.79 42.60 -22.31
C LYS B 359 11.77 41.62 -23.49
N VAL B 360 11.80 40.33 -23.18
CA VAL B 360 11.84 39.31 -24.23
C VAL B 360 10.57 39.29 -25.08
N SER B 361 9.45 39.82 -24.58
CA SER B 361 8.23 39.87 -25.36
C SER B 361 7.98 41.24 -25.98
N GLY B 362 8.91 42.19 -25.81
CA GLY B 362 8.85 43.46 -26.52
C GLY B 362 8.17 44.61 -25.80
N ASP B 363 7.76 44.44 -24.55
CA ASP B 363 7.16 45.54 -23.78
C ASP B 363 8.26 46.25 -22.98
N GLN B 364 9.11 46.95 -23.71
CA GLN B 364 10.23 47.62 -23.06
C GLN B 364 9.77 48.68 -22.06
N ASN B 365 8.64 49.33 -22.33
CA ASN B 365 8.12 50.31 -21.39
C ASN B 365 7.76 49.64 -20.07
N GLY B 366 6.96 48.58 -20.13
CA GLY B 366 6.58 47.88 -18.90
C GLY B 366 7.77 47.29 -18.19
N SER B 367 8.74 46.76 -18.96
CA SER B 367 9.94 46.22 -18.37
C SER B 367 10.67 47.26 -17.52
N ASP B 368 10.76 48.50 -18.02
CA ASP B 368 11.43 49.56 -17.28
C ASP B 368 10.69 49.86 -15.98
N ARG B 369 9.36 49.86 -16.03
CA ARG B 369 8.57 50.12 -14.83
C ARG B 369 8.83 49.07 -13.75
N PHE B 370 9.05 47.82 -14.16
CA PHE B 370 9.35 46.78 -13.19
C PHE B 370 10.82 46.75 -12.78
N VAL B 371 11.70 47.29 -13.61
CA VAL B 371 13.07 47.53 -13.14
C VAL B 371 13.06 48.60 -12.06
N LYS B 372 12.26 49.67 -12.24
CA LYS B 372 12.10 50.68 -11.20
C LYS B 372 11.56 50.06 -9.92
N ALA B 373 10.60 49.15 -10.04
CA ALA B 373 10.01 48.52 -8.87
C ALA B 373 11.02 47.61 -8.16
N SER B 374 11.81 46.86 -8.93
CA SER B 374 12.81 45.99 -8.31
C SER B 374 13.87 46.82 -7.57
N LYS B 375 14.22 47.98 -8.12
CA LYS B 375 15.22 48.81 -7.45
C LYS B 375 14.66 49.48 -6.21
N ALA B 376 13.36 49.80 -6.23
CA ALA B 376 12.73 50.33 -5.02
C ALA B 376 12.72 49.27 -3.93
N ARG B 377 12.39 48.02 -4.27
CA ARG B 377 12.36 46.98 -3.23
C ARG B 377 13.76 46.63 -2.75
N GLU B 378 14.77 46.74 -3.61
CA GLU B 378 16.15 46.59 -3.15
C GLU B 378 16.48 47.66 -2.10
N LYS B 379 16.04 48.90 -2.32
CA LYS B 379 16.33 49.95 -1.34
C LYS B 379 15.61 49.70 -0.03
N ALA B 380 14.42 49.08 -0.08
CA ALA B 380 13.69 48.75 1.14
C ALA B 380 14.37 47.61 1.90
N PHE B 381 15.01 46.68 1.18
CA PHE B 381 15.74 45.62 1.87
C PHE B 381 16.91 46.19 2.63
N GLN B 382 17.52 47.26 2.10
CA GLN B 382 18.64 47.91 2.79
C GLN B 382 18.17 48.68 4.01
N THR B 383 17.08 49.42 3.88
CA THR B 383 16.62 50.28 4.97
C THR B 383 15.80 49.50 5.99
N VAL B 384 14.88 48.67 5.53
CA VAL B 384 13.88 48.13 6.44
C VAL B 384 14.34 46.80 7.04
N PHE B 385 14.91 45.92 6.23
CA PHE B 385 15.19 44.55 6.63
C PHE B 385 16.61 44.37 7.16
N TRP B 386 17.60 44.90 6.43
CA TRP B 386 18.99 44.64 6.74
C TRP B 386 19.33 45.07 8.16
N ASN B 387 20.14 44.24 8.84
CA ASN B 387 20.72 44.60 10.12
C ASN B 387 22.22 44.37 10.03
N GLU B 388 22.99 45.47 10.03
CA GLU B 388 24.42 45.36 9.80
C GLU B 388 25.11 44.54 10.90
N LYS B 389 24.75 44.79 12.16
CA LYS B 389 25.35 44.04 13.27
C LYS B 389 25.11 42.55 13.11
N ALA B 390 23.87 42.16 12.78
CA ALA B 390 23.54 40.74 12.62
C ALA B 390 24.09 40.15 11.34
N GLY B 391 24.39 40.98 10.33
CA GLY B 391 24.90 40.46 9.09
C GLY B 391 23.86 39.69 8.29
N GLN B 392 22.60 40.02 8.50
CA GLN B 392 21.51 39.27 7.86
C GLN B 392 20.31 40.20 7.81
N TRP B 393 19.23 39.75 7.17
CA TRP B 393 18.02 40.54 7.07
C TRP B 393 16.99 40.01 8.08
N LEU B 394 16.19 40.92 8.67
CA LEU B 394 15.31 40.56 9.78
C LEU B 394 13.87 40.87 9.44
N ASP B 395 12.94 39.99 9.86
CA ASP B 395 11.52 40.30 9.72
C ASP B 395 11.20 41.62 10.41
N TYR B 396 10.30 42.42 9.83
CA TYR B 396 9.88 43.66 10.46
C TYR B 396 8.46 43.49 11.01
N TRP B 397 8.30 43.74 12.31
CA TRP B 397 7.01 43.60 12.98
C TRP B 397 6.30 44.95 13.06
N LEU B 398 5.05 44.97 12.63
CA LEU B 398 4.24 46.19 12.69
C LEU B 398 3.84 46.50 14.11
N SER B 399 3.82 47.79 14.45
CA SER B 399 3.22 48.23 15.71
C SER B 399 1.71 48.41 15.57
N SER B 400 1.26 49.02 14.48
CA SER B 400 -0.16 49.13 14.19
C SER B 400 -0.62 47.95 13.35
N SER B 401 -1.44 48.20 12.34
CA SER B 401 -1.63 47.24 11.28
C SER B 401 -1.20 47.89 9.97
N GLY B 402 -1.29 47.12 8.88
CA GLY B 402 -0.82 47.60 7.61
C GLY B 402 -1.74 48.63 6.99
N GLU B 403 -2.61 49.22 7.81
CA GLU B 403 -3.64 50.13 7.29
C GLU B 403 -3.04 51.35 6.61
N GLU B 404 -2.18 52.08 7.31
CA GLU B 404 -1.48 53.19 6.71
C GLU B 404 -0.01 53.11 7.07
N SER B 405 0.75 54.06 6.53
CA SER B 405 2.19 54.11 6.77
C SER B 405 2.49 54.09 8.25
N GLU B 406 3.53 53.35 8.63
CA GLU B 406 4.06 53.41 9.98
C GLU B 406 5.57 53.59 9.89
N THR B 407 6.13 54.29 10.88
CA THR B 407 7.54 54.65 10.86
C THR B 407 8.40 53.51 11.42
N TRP B 408 9.50 53.24 10.73
CA TRP B 408 10.43 52.18 11.13
C TRP B 408 11.01 52.45 12.51
N LYS B 409 10.95 51.43 13.37
CA LYS B 409 11.54 51.50 14.70
C LYS B 409 12.54 50.36 14.82
N ALA B 410 13.74 50.67 15.33
CA ALA B 410 14.77 49.65 15.42
C ALA B 410 14.34 48.49 16.31
N GLU B 411 13.54 48.78 17.33
CA GLU B 411 13.11 47.74 18.24
C GLU B 411 12.09 46.79 17.61
N ASN B 412 11.64 47.07 16.38
CA ASN B 412 10.63 46.22 15.74
C ASN B 412 11.20 45.18 14.79
N GLN B 413 12.51 45.19 14.53
CA GLN B 413 13.10 44.07 13.83
C GLN B 413 13.12 42.86 14.76
N ASN B 414 12.77 41.70 14.21
CA ASN B 414 12.89 40.45 14.95
C ASN B 414 14.33 39.96 14.83
N THR B 415 15.11 40.11 15.91
CA THR B 415 16.52 39.74 15.90
C THR B 415 16.73 38.23 16.08
N ASN B 416 15.67 37.45 16.26
CA ASN B 416 15.82 36.00 16.31
C ASN B 416 16.27 35.49 14.95
N VAL B 417 17.03 34.39 14.97
CA VAL B 417 17.77 33.92 13.82
C VAL B 417 16.97 32.80 13.14
N PHE B 418 16.74 32.96 11.84
CA PHE B 418 15.96 32.04 11.03
C PHE B 418 16.64 31.85 9.70
N ALA B 419 16.46 30.66 9.09
CA ALA B 419 17.05 30.45 7.77
C ALA B 419 16.50 31.45 6.77
N SER B 420 15.27 31.92 6.98
CA SER B 420 14.66 32.89 6.09
C SER B 420 15.32 34.26 6.20
N ASN B 421 16.00 34.56 7.32
CA ASN B 421 16.80 35.78 7.42
C ASN B 421 17.86 35.86 6.34
N PHE B 422 18.20 34.74 5.72
CA PHE B 422 19.27 34.65 4.73
C PHE B 422 18.73 34.47 3.30
N ALA B 423 17.41 34.37 3.17
CA ALA B 423 16.78 34.26 1.86
C ALA B 423 17.19 35.32 0.84
N PRO B 424 17.48 36.59 1.18
CA PRO B 424 17.80 37.56 0.12
C PRO B 424 19.13 37.29 -0.56
N ILE B 425 19.94 36.35 -0.05
CA ILE B 425 21.16 35.94 -0.74
C ILE B 425 20.83 35.31 -2.08
N TRP B 426 19.59 34.81 -2.23
CA TRP B 426 19.12 34.24 -3.48
C TRP B 426 19.03 35.26 -4.61
N ILE B 427 18.92 36.55 -4.29
CA ILE B 427 18.69 37.58 -5.30
C ILE B 427 20.02 38.02 -5.90
N ASN B 428 20.14 37.92 -7.23
CA ASN B 428 21.43 38.18 -7.88
C ASN B 428 21.93 39.60 -7.63
N SER B 429 21.03 40.59 -7.56
CA SER B 429 21.47 41.94 -7.23
C SER B 429 22.14 42.01 -5.87
N ILE B 430 21.91 41.01 -5.02
CA ILE B 430 22.51 40.93 -3.71
C ILE B 430 23.72 40.00 -3.70
N ASN B 431 23.65 38.84 -4.35
CA ASN B 431 24.82 37.97 -4.26
C ASN B 431 25.92 38.40 -5.21
N SER B 432 25.69 39.45 -6.01
CA SER B 432 26.74 40.05 -6.83
C SER B 432 27.66 40.95 -6.01
N ASP B 433 27.20 41.42 -4.86
CA ASP B 433 27.92 42.36 -4.01
C ASP B 433 28.92 41.56 -3.17
N GLU B 434 30.20 41.57 -3.56
CA GLU B 434 31.19 40.74 -2.86
C GLU B 434 31.29 41.11 -1.38
N ASN B 435 31.30 42.41 -1.07
CA ASN B 435 31.48 42.84 0.32
C ASN B 435 30.27 42.46 1.18
N LEU B 436 29.07 42.53 0.60
CA LEU B 436 27.88 42.07 1.32
C LEU B 436 27.94 40.58 1.55
N VAL B 437 28.31 39.81 0.52
CA VAL B 437 28.32 38.35 0.61
C VAL B 437 29.29 37.88 1.69
N LYS B 438 30.46 38.52 1.78
CA LYS B 438 31.40 38.14 2.84
C LYS B 438 30.81 38.35 4.22
N LYS B 439 30.07 39.45 4.42
CA LYS B 439 29.41 39.69 5.70
C LYS B 439 28.36 38.64 5.99
N VAL B 440 27.59 38.24 4.97
CA VAL B 440 26.55 37.24 5.15
C VAL B 440 27.18 35.86 5.40
N VAL B 441 28.25 35.53 4.67
CA VAL B 441 28.94 34.27 4.92
C VAL B 441 29.37 34.19 6.38
N THR B 442 29.96 35.28 6.89
CA THR B 442 30.44 35.30 8.27
C THR B 442 29.27 35.20 9.25
N ALA B 443 28.22 35.96 9.01
CA ALA B 443 27.03 35.87 9.86
C ALA B 443 26.46 34.47 9.85
N LEU B 444 26.36 33.84 8.67
CA LEU B 444 25.75 32.51 8.62
C LEU B 444 26.65 31.48 9.30
N LYS B 445 27.96 31.58 9.08
CA LYS B 445 28.89 30.63 9.71
C LYS B 445 28.77 30.65 11.21
N ASN B 446 28.64 31.83 11.80
CA ASN B 446 28.60 31.95 13.25
C ASN B 446 27.18 31.97 13.82
N SER B 447 26.16 31.80 12.98
CA SER B 447 24.79 31.95 13.46
C SER B 447 24.33 30.80 14.34
N GLY B 448 24.94 29.63 14.21
CA GLY B 448 24.44 28.41 14.79
C GLY B 448 23.49 27.64 13.88
N LEU B 449 23.06 28.23 12.76
CA LEU B 449 22.12 27.54 11.88
C LEU B 449 22.78 26.43 11.08
N ILE B 450 24.09 26.48 10.87
CA ILE B 450 24.74 25.40 10.13
C ILE B 450 24.85 24.18 11.04
N ALA B 451 24.23 23.08 10.62
CA ALA B 451 24.09 21.86 11.40
C ALA B 451 24.63 20.71 10.58
N PRO B 452 24.88 19.55 11.19
CA PRO B 452 25.49 18.42 10.45
C PRO B 452 24.84 18.06 9.12
N ALA B 453 23.52 18.17 8.99
CA ALA B 453 22.85 17.75 7.76
C ALA B 453 22.32 18.93 6.95
N GLY B 454 22.61 20.16 7.35
CA GLY B 454 22.12 21.30 6.59
C GLY B 454 21.82 22.46 7.51
N ILE B 455 21.00 23.39 6.98
CA ILE B 455 20.74 24.67 7.60
C ILE B 455 19.47 24.57 8.44
N LEU B 456 19.60 24.84 9.73
CA LEU B 456 18.45 24.86 10.62
C LEU B 456 17.48 25.96 10.21
N THR B 457 16.17 25.71 10.37
CA THR B 457 15.22 26.75 10.01
C THR B 457 15.06 27.77 11.14
N SER B 458 15.34 27.38 12.37
CA SER B 458 15.41 28.30 13.51
C SER B 458 16.32 27.69 14.56
N LEU B 459 16.55 28.45 15.63
CA LEU B 459 17.38 28.01 16.74
C LEU B 459 16.56 27.59 17.96
N THR B 460 15.24 27.56 17.86
CA THR B 460 14.37 27.28 19.00
C THR B 460 13.65 25.96 18.80
N ASN B 461 13.86 25.03 19.72
CA ASN B 461 13.17 23.74 19.69
C ASN B 461 11.79 23.89 20.33
N SER B 462 10.81 24.29 19.53
CA SER B 462 9.46 24.61 20.01
C SER B 462 8.51 23.43 20.00
N GLY B 463 8.86 22.34 19.30
CA GLY B 463 7.91 21.31 18.96
C GLY B 463 7.17 21.54 17.67
N GLN B 464 7.23 22.76 17.11
CA GLN B 464 6.63 23.03 15.82
C GLN B 464 7.60 22.61 14.73
N GLN B 465 7.05 22.27 13.57
CA GLN B 465 7.90 21.66 12.55
C GLN B 465 8.79 22.65 11.82
N TRP B 466 8.37 23.91 11.72
CA TRP B 466 9.23 24.94 11.13
C TRP B 466 10.09 25.60 12.22
N ASP B 467 10.75 24.77 13.02
CA ASP B 467 11.67 25.25 14.02
C ASP B 467 12.78 24.23 14.14
N SER B 468 13.84 24.61 14.85
CA SER B 468 14.82 23.63 15.27
C SER B 468 14.12 22.42 15.88
N PRO B 469 14.62 21.19 15.67
CA PRO B 469 15.86 20.84 14.99
C PRO B 469 15.72 20.60 13.50
N ASN B 470 14.69 21.13 12.85
CA ASN B 470 14.45 20.76 11.47
C ASN B 470 15.11 21.74 10.50
N GLY B 471 15.46 21.21 9.33
CA GLY B 471 15.79 22.04 8.18
C GLY B 471 14.94 21.58 7.01
N TRP B 472 14.65 22.51 6.11
CA TRP B 472 13.70 22.26 5.04
C TRP B 472 14.30 22.58 3.68
N ALA B 473 13.94 21.76 2.69
CA ALA B 473 14.58 21.78 1.38
C ALA B 473 14.54 23.13 0.68
N PRO B 474 13.41 23.86 0.64
CA PRO B 474 13.43 25.15 -0.08
C PRO B 474 14.38 26.15 0.55
N GLN B 475 14.52 26.11 1.87
CA GLN B 475 15.41 27.07 2.50
C GLN B 475 16.87 26.69 2.26
N GLN B 476 17.18 25.38 2.18
CA GLN B 476 18.52 24.96 1.79
C GLN B 476 18.86 25.50 0.41
N GLU B 477 17.95 25.35 -0.55
CA GLU B 477 18.28 25.65 -1.93
C GLU B 477 18.44 27.14 -2.17
N MET B 478 17.63 27.98 -1.51
CA MET B 478 17.76 29.41 -1.74
C MET B 478 19.12 29.91 -1.27
N ILE B 479 19.60 29.36 -0.17
CA ILE B 479 20.88 29.81 0.37
C ILE B 479 22.02 29.26 -0.46
N VAL B 480 21.98 27.97 -0.78
CA VAL B 480 23.03 27.34 -1.57
C VAL B 480 23.09 27.99 -2.95
N THR B 481 21.94 28.22 -3.57
CA THR B 481 21.96 28.81 -4.91
C THR B 481 22.47 30.24 -4.85
N GLY B 482 22.03 31.01 -3.86
CA GLY B 482 22.49 32.37 -3.73
C GLY B 482 23.97 32.47 -3.48
N LEU B 483 24.47 31.68 -2.53
CA LEU B 483 25.90 31.69 -2.21
C LEU B 483 26.74 31.24 -3.39
N GLY B 484 26.27 30.24 -4.15
CA GLY B 484 27.02 29.71 -5.25
C GLY B 484 27.11 30.62 -6.44
N ARG B 485 26.15 31.53 -6.58
CA ARG B 485 26.14 32.54 -7.63
C ARG B 485 27.02 33.74 -7.32
N SER B 486 27.43 33.91 -6.06
CA SER B 486 28.37 34.96 -5.74
C SER B 486 29.72 34.67 -6.39
N SER B 487 30.56 35.70 -6.44
CA SER B 487 31.93 35.55 -6.91
C SER B 487 32.91 35.39 -5.76
N VAL B 488 32.41 35.09 -4.57
CA VAL B 488 33.26 34.93 -3.38
C VAL B 488 33.59 33.47 -3.22
N LYS B 489 34.88 33.14 -3.19
CA LYS B 489 35.29 31.74 -3.12
C LYS B 489 34.75 31.08 -1.85
N GLU B 490 34.89 31.74 -0.71
CA GLU B 490 34.40 31.17 0.54
C GLU B 490 32.90 30.94 0.49
N ALA B 491 32.16 31.80 -0.21
CA ALA B 491 30.72 31.61 -0.31
C ALA B 491 30.40 30.40 -1.19
N LYS B 492 31.16 30.19 -2.27
CA LYS B 492 30.92 29.03 -3.12
C LYS B 492 31.27 27.74 -2.39
N GLU B 493 32.35 27.73 -1.63
CA GLU B 493 32.72 26.51 -0.91
C GLU B 493 31.68 26.17 0.15
N MET B 494 31.15 27.18 0.83
CA MET B 494 30.14 26.95 1.85
C MET B 494 28.84 26.42 1.24
N ALA B 495 28.45 26.96 0.08
CA ALA B 495 27.30 26.44 -0.65
C ALA B 495 27.45 24.96 -0.95
N GLU B 496 28.60 24.57 -1.53
CA GLU B 496 28.86 23.18 -1.86
C GLU B 496 28.84 22.30 -0.61
N ASP B 497 29.37 22.81 0.50
CA ASP B 497 29.43 22.02 1.72
C ASP B 497 28.03 21.79 2.29
N ILE B 498 27.20 22.83 2.30
CA ILE B 498 25.81 22.64 2.74
C ILE B 498 25.09 21.65 1.84
N ALA B 499 25.24 21.82 0.52
CA ALA B 499 24.60 20.93 -0.44
C ALA B 499 24.96 19.48 -0.17
N ARG B 500 26.24 19.20 0.06
CA ARG B 500 26.64 17.80 0.24
C ARG B 500 26.13 17.25 1.56
N ARG B 501 26.24 18.03 2.64
CA ARG B 501 25.64 17.59 3.89
C ARG B 501 24.17 17.22 3.68
N TRP B 502 23.47 18.00 2.87
CA TRP B 502 22.03 17.82 2.76
C TRP B 502 21.72 16.60 1.90
N ILE B 503 22.49 16.40 0.82
CA ILE B 503 22.34 15.21 -0.02
C ILE B 503 22.62 13.96 0.80
N LYS B 504 23.76 13.93 1.47
CA LYS B 504 24.14 12.74 2.22
C LYS B 504 23.05 12.35 3.22
N SER B 505 22.54 13.32 3.98
CA SER B 505 21.55 13.01 5.00
C SER B 505 20.28 12.46 4.37
N ASN B 506 19.84 13.05 3.26
CA ASN B 506 18.69 12.49 2.57
C ASN B 506 18.96 11.06 2.11
N TYR B 507 20.18 10.79 1.63
CA TYR B 507 20.57 9.45 1.22
C TYR B 507 20.49 8.46 2.38
N LEU B 508 21.02 8.85 3.54
CA LEU B 508 21.01 7.96 4.69
C LEU B 508 19.59 7.71 5.20
N VAL B 509 18.73 8.74 5.14
CA VAL B 509 17.32 8.53 5.51
C VAL B 509 16.70 7.52 4.56
N TYR B 510 17.00 7.64 3.27
CA TYR B 510 16.41 6.78 2.26
C TYR B 510 16.85 5.33 2.44
N LYS B 511 18.12 5.12 2.79
CA LYS B 511 18.61 3.76 2.97
C LYS B 511 17.87 3.02 4.07
N LYS B 512 17.37 3.75 5.08
CA LYS B 512 16.61 3.19 6.18
C LYS B 512 15.13 3.02 5.86
N SER B 513 14.50 4.04 5.27
CA SER B 513 13.06 4.07 5.09
C SER B 513 12.61 3.69 3.69
N GLY B 514 13.50 3.78 2.70
CA GLY B 514 13.07 3.61 1.32
C GLY B 514 12.24 4.75 0.79
N THR B 515 12.19 5.87 1.51
CA THR B 515 11.40 7.03 1.14
C THR B 515 12.22 8.29 1.32
N ILE B 516 11.74 9.40 0.74
CA ILE B 516 12.30 10.73 0.95
C ILE B 516 11.36 11.51 1.85
N HIS B 517 11.92 12.24 2.82
CA HIS B 517 11.09 12.86 3.84
C HIS B 517 10.79 14.35 3.59
N GLU B 518 9.69 14.79 4.21
CA GLU B 518 9.22 16.18 4.12
C GLU B 518 10.24 17.16 4.67
N LYS B 519 10.84 16.81 5.80
CA LYS B 519 11.83 17.69 6.44
C LYS B 519 12.84 16.81 7.15
N LEU B 520 14.05 17.34 7.34
CA LEU B 520 15.13 16.63 8.00
C LEU B 520 15.36 17.20 9.39
N LYS B 521 15.74 16.32 10.32
CA LYS B 521 16.24 16.77 11.63
C LYS B 521 17.72 17.04 11.44
N VAL B 522 18.06 18.25 10.98
CA VAL B 522 19.42 18.48 10.49
C VAL B 522 20.44 18.42 11.62
N THR B 523 20.01 18.45 12.88
CA THR B 523 20.97 18.31 13.98
C THR B 523 21.69 16.98 13.94
N GLU B 524 21.16 16.01 13.20
CA GLU B 524 21.68 14.65 13.19
C GLU B 524 21.65 14.11 11.77
N LEU B 525 22.80 13.67 11.27
CA LEU B 525 22.86 13.08 9.93
C LEU B 525 22.03 11.81 9.86
N GLY B 526 21.20 11.71 8.82
CA GLY B 526 20.40 10.52 8.61
C GLY B 526 19.10 10.46 9.37
N GLU B 527 18.64 11.58 9.92
CA GLU B 527 17.40 11.61 10.69
C GLU B 527 16.38 12.51 10.01
N TYR B 528 15.13 12.05 9.93
CA TYR B 528 14.09 12.93 9.42
C TYR B 528 13.42 13.70 10.56
N GLY B 529 12.80 14.82 10.20
CA GLY B 529 12.23 15.70 11.20
C GLY B 529 10.74 15.45 11.44
N GLY B 530 10.28 15.99 12.56
CA GLY B 530 8.87 15.89 12.92
C GLY B 530 8.35 17.19 13.47
N GLY B 531 7.41 17.13 14.40
CA GLY B 531 6.87 18.32 15.01
C GLY B 531 5.55 18.74 14.41
N GLY B 532 4.81 19.55 15.16
CA GLY B 532 3.57 20.10 14.63
C GLY B 532 2.38 19.16 14.73
N GLU B 533 1.34 19.52 13.98
CA GLU B 533 0.02 18.90 14.13
C GLU B 533 -0.11 17.56 13.40
N TYR B 534 0.76 17.24 12.46
CA TYR B 534 0.65 15.96 11.73
C TYR B 534 1.99 15.24 11.74
N MET B 535 1.93 13.94 11.43
CA MET B 535 3.10 13.08 11.43
C MET B 535 4.08 13.47 10.32
N PRO B 536 5.34 13.07 10.42
CA PRO B 536 6.26 13.25 9.30
C PRO B 536 5.74 12.56 8.05
N GLN B 537 5.83 13.26 6.92
CA GLN B 537 5.24 12.83 5.66
C GLN B 537 6.35 12.57 4.64
N THR B 538 6.03 11.78 3.61
CA THR B 538 7.04 11.32 2.66
C THR B 538 6.55 11.44 1.22
N GLY B 539 7.52 11.48 0.31
CA GLY B 539 7.27 11.55 -1.12
C GLY B 539 8.57 11.91 -1.83
N PHE B 540 9.11 13.09 -1.57
CA PHE B 540 8.37 14.27 -1.15
C PHE B 540 8.79 15.40 -2.10
N GLY B 541 7.80 16.00 -2.77
CA GLY B 541 8.02 16.98 -3.84
C GLY B 541 9.26 17.86 -3.78
N TRP B 542 9.29 18.87 -2.90
CA TRP B 542 10.44 19.76 -2.93
C TRP B 542 11.70 19.09 -2.42
N SER B 543 11.59 18.04 -1.61
CA SER B 543 12.80 17.34 -1.17
C SER B 543 13.44 16.59 -2.33
N ASN B 544 12.63 15.92 -3.14
CA ASN B 544 13.17 15.24 -4.31
C ASN B 544 13.79 16.23 -5.28
N GLY B 545 13.11 17.34 -5.53
CA GLY B 545 13.66 18.30 -6.49
C GLY B 545 14.98 18.91 -6.05
N VAL B 546 15.09 19.25 -4.76
CA VAL B 546 16.33 19.87 -4.27
C VAL B 546 17.50 18.88 -4.27
N ILE B 547 17.24 17.59 -3.96
CA ILE B 547 18.28 16.56 -4.11
C ILE B 547 18.79 16.51 -5.55
N LEU B 548 17.87 16.40 -6.51
CA LEU B 548 18.26 16.29 -7.90
C LEU B 548 18.96 17.56 -8.39
N ALA B 549 18.47 18.74 -7.99
CA ALA B 549 19.09 19.98 -8.48
C ALA B 549 20.47 20.19 -7.86
N PHE B 550 20.63 19.90 -6.56
CA PHE B 550 21.96 19.97 -5.95
C PHE B 550 22.93 19.03 -6.63
N LEU B 551 22.47 17.83 -7.01
CA LEU B 551 23.37 16.88 -7.64
C LEU B 551 23.73 17.31 -9.05
N GLU B 552 22.78 17.91 -9.78
CA GLU B 552 23.09 18.48 -11.08
C GLU B 552 24.15 19.57 -10.97
N GLU B 553 24.09 20.38 -9.91
CA GLU B 553 25.04 21.48 -9.78
C GLU B 553 26.43 21.00 -9.38
N TYR B 554 26.50 20.12 -8.37
CA TYR B 554 27.76 19.80 -7.71
C TYR B 554 28.32 18.41 -8.02
N GLY B 555 27.54 17.53 -8.62
CA GLY B 555 28.04 16.18 -8.82
C GLY B 555 28.31 15.49 -7.49
N TRP B 556 29.02 14.37 -7.58
CA TRP B 556 29.49 13.60 -6.43
C TRP B 556 30.66 12.74 -6.86
N PRO B 557 31.89 13.12 -6.52
CA PRO B 557 33.06 12.37 -6.98
C PRO B 557 33.00 10.95 -6.45
N SER B 558 33.52 10.01 -7.25
CA SER B 558 33.49 8.62 -6.84
C SER B 558 34.42 8.35 -5.67
N HIS B 559 35.37 9.26 -5.39
CA HIS B 559 36.19 9.11 -4.20
C HIS B 559 35.48 9.52 -2.93
N LEU B 560 34.35 10.20 -3.03
CA LEU B 560 33.66 10.80 -1.88
C LEU B 560 32.60 9.82 -1.38
N SER B 561 32.81 9.30 -0.17
CA SER B 561 31.83 8.38 0.40
C SER B 561 30.55 9.12 0.75
N ILE B 562 29.41 8.49 0.47
CA ILE B 562 28.13 9.05 0.89
C ILE B 562 27.67 8.34 2.17
N GLU B 563 28.63 7.71 2.86
CA GLU B 563 28.39 7.04 4.13
C GLU B 563 29.00 7.84 5.28
N ALA B 564 28.70 7.38 6.50
CA ALA B 564 29.28 7.83 7.78
C ALA B 564 29.91 9.23 7.77
C1 GLC C . -12.04 -29.10 1.79
C2 GLC C . -11.25 -30.36 1.40
C3 GLC C . -12.05 -31.20 0.41
C4 GLC C . -13.44 -31.47 1.00
C5 GLC C . -14.17 -30.19 1.30
C6 GLC C . -15.52 -30.52 1.95
O2 GLC C . -9.93 -30.01 0.96
O3 GLC C . -11.42 -32.44 0.23
O4 GLC C . -14.26 -32.19 0.06
O5 GLC C . -13.39 -29.39 2.19
O6 GLC C . -16.28 -29.33 2.06
C1 GLC C . -11.29 -26.95 1.69
C2 GLC C . -11.40 -25.40 1.29
C3 GLC C . -10.21 -24.56 1.85
C4 GLC C . -9.56 -25.43 2.92
C5 GLC C . -9.12 -26.34 1.81
C6 GLC C . -7.69 -26.35 1.28
O1 GLC C . -11.93 -27.98 0.86
O2 GLC C . -11.55 -25.03 -0.09
O3 GLC C . -10.56 -23.23 2.23
O4 GLC C . -8.49 -24.95 3.70
O5 GLC C . -9.98 -27.43 2.08
O6 GLC C . -6.91 -27.52 1.47
C1 GLC D . -0.17 22.46 4.60
C2 GLC D . -0.96 23.63 4.01
C3 GLC D . -1.71 24.44 5.07
C4 GLC D . -2.60 23.52 5.88
C5 GLC D . -1.71 22.45 6.52
C6 GLC D . -2.61 21.58 7.37
O2 GLC D . -0.10 24.52 3.30
O3 GLC D . -2.50 25.46 4.44
O4 GLC D . -3.29 24.26 6.91
O5 GLC D . -1.01 21.70 5.51
O6 GLC D . -1.86 20.65 8.15
C1 GLC D . 2.39 22.45 4.87
C2 GLC D . 3.51 23.54 4.83
C3 GLC D . 3.77 24.14 3.43
C4 GLC D . 3.78 23.14 2.31
C5 GLC D . 2.64 22.15 2.39
C6 GLC D . 2.92 21.05 1.36
O1 GLC D . 1.04 22.97 5.18
O2 GLC D . 3.37 24.62 5.80
O3 GLC D . 5.09 24.71 3.35
O4 GLC D . 3.69 23.93 1.12
O5 GLC D . 2.55 21.57 3.70
O6 GLC D . 4.27 20.56 1.48
C1 GOL E . -9.26 -27.89 19.52
O1 GOL E . -8.21 -26.99 19.79
C2 GOL E . -9.51 -27.87 17.99
O2 GOL E . -10.25 -26.76 17.59
C3 GOL E . -10.22 -29.21 17.66
O3 GOL E . -11.46 -29.18 18.31
C1 GOL F . -23.84 -20.83 2.06
O1 GOL F . -23.92 -22.21 2.12
C2 GOL F . -22.53 -20.50 1.30
O2 GOL F . -22.68 -20.60 -0.08
C3 GOL F . -22.14 -19.09 1.76
O3 GOL F . -22.49 -18.19 0.73
C1 GOL G . 22.17 24.26 -6.78
O1 GOL G . 21.89 25.39 -6.02
C2 GOL G . 20.87 23.91 -7.53
O2 GOL G . 19.76 23.89 -6.68
C3 GOL G . 20.76 25.00 -8.62
O3 GOL G . 19.68 24.65 -9.41
#